data_7ZPI
#
_entry.id   7ZPI
#
loop_
_entity.id
_entity.type
_entity.pdbx_description
1 polymer 'Endoribonuclease Dicer'
2 polymer '59-nt precursor of miR-15a'
#
loop_
_entity_poly.entity_id
_entity_poly.type
_entity_poly.pdbx_seq_one_letter_code
_entity_poly.pdbx_strand_id
1 'polypeptide(L)'
;MVWSHPQFEKGGGSGGGSGGSAWSHPQFEKGDYPYDVPDYAGTENLYFQGLVDMKSPALQPLSMAGLQLMTPASSPMGPF
FGLPWQQEAIHDNIYTPRKYQVELLEAALDHNTIVCLNTGSGKTFIAVLLTKELAHQIRGDLNPHAKRTVFLVNSANQVA
QQVSAVRTHSDLKVGEYSDLEVNASWTKERWSQEFTKHQVLIMTCYVALTVLKNGYLSLSDINLLVFDECHLAILDHPYR
EIMKLCESCPSCPRILGLTASILNGKCDPEELEEKIQKLERILRSDAETATDLVVLDRYTSQPCEIVVDCGPFTDRSGLY
ERLLMELEAALDFINDCNVAVHSKERDSTLISKQILSDCRAVLVVLGPWCADKVAGMMVRELQKYIKHEQEELHRKFLLF
TDTLLRKIHALCEEYFSPASLDLKYVTPKVMKLLEILRKYKPYERQQFESVEWYNNRNQDNYVSWSDSEDDDDDEEIEEK
EKPETNFPSPFTNILCGIIFVERRYTAVVLNRLIKEAGKQDPELAYISSNFITGHGIGKNQPRSKQMEAEFRKQEEVLRK
FRAHETNLLIATSVVEEGVDIPKCNLVVRFDLPTEYRSYVQSKGRARAPISNYVMLADTDKIKSFEEDLKTYKAIEKILR
NKCSKSADGAEADVHAGVDDEDAFPPYVLRPDDGGPRVTINTAIGHINRYCARLPSDPFTHLAPKCRTRELPDGTFYSTL
YLPINSPLRASIVGPPMDSVRLAERVVALICCEKLHKIGELDEHLMPVGKETVKYEEELDLHDEEETSVPGRPGSTKRRQ
CYPKAIPECLRESYPKPDQPCYLYVIGMVLTTPLPDELNFRRRKLYPPEDTTRCFGILTAKPIPQIPHFPVYTRSGEVTI
SIELKKSGFTLSQQMLELITRLHQYIFSHILRLEKPALEFKPTGAESAYCVLPLNVVNDSGTLDIDFKFMEDIEKSEARI
GIPSTKYSKETPFVFKLEDYQDAVIIPRYRNFDQPHRFYVADVYTDLTPLSKFPSPEYETFAEYYKTKYNLDLTNLNQPL
LDVDHTSSRLNLLTPRHLNQKGKALPLSSAEKRKAKWESLQNKQILVPELCAIHPIPASLWRKAVCLPSILYRLHCLLTA
EELRAQTASDAGVGVRSLPVDFRYPNLDFGWKKSIDSKSFISSCNSSLAESDNYCKHSTTVVPEHAAHQGATRPSLENHD
QMSVNCKRLPAESPAKLQSEVSTDLTAINGLSYNKNLANGSYDLVNRDFCQGNQLNYFKQEIPVQPTTSYPIQNLYNYEN
QPKPSNECPLLSNTYLDGNANTSTSDGSPAVSTMPAMMNAVKALKDRMDSEQSPSVGYSSRTLGPNPGLILQALTLSNAS
DGFNLERLEMLGDSFLKHAITTYLFCTYPDAHEGRLSYMRSKKVSNCNLYRLGKKKGLPSRMVVSIFDPPVNWLPPGYVV
NQDKSNSEKWEKDEMTKDCLLANGKLGEACEEEEDLTWRAPKEEAEDEDDFLEYDQEHIQFIDSMLMGSGAFVRKISLSP
FSASDSAYEWKMPKKASLGSMPFASGLEDFDYSSWDAMCYLDPSKAVEEDDFVVGFWNPSEENCGVDTGKQSISYDLHTE
QCIADKSIADCVEALLGCYLTSCGERAAQLFLCSLGLKVLPVIKRTSREKALDPAQENGSSQQKSLSGSCASPVGPRSSA
GKDLEYGCLKIPPRCMFDHPDAEKTLNHLISGFETFEKKINYRFKNKAYLLQAFTHASYHYNTITDCYQRLEFLGDAILD
YLITKHLYEDPRQHSPGVLTDLRSALVNNTIFASLAVKYDYHKYFKAVSPELFHVIDDFVKFQLEKNEMQGMDSELRRSE
EDEEKEEDIEVPKAMGDIFESLAGAIYMDSGMSLEVVWQVYYPMMQPLIEKFSANVPRSPVRELLEMEPETAKFSPAERT
YDGKVRVTVEVVGKGKFKGVGRSYRIAKSAAARRALRSLKANQPQVPNSGRGENLYFQGASDYKDHDGDYKDHDGSHHHH
HHHH
;
A
2 'polyribonucleotide' UAGCAGCACAUAAUGGUUUGUGGAUGUUGAAAAGGUGCAGGCCAUACUGUGCUGCCUCA B
#
# COMPACT_ATOMS: atom_id res chain seq x y z
N ARG A 792 -14.86 -18.19 -12.40
CA ARG A 792 -14.85 -17.26 -13.52
C ARG A 792 -13.58 -16.41 -13.51
N PRO A 793 -12.97 -16.08 -14.66
CA PRO A 793 -11.83 -15.17 -14.70
C PRO A 793 -12.20 -13.84 -14.00
N GLY A 794 -11.30 -13.27 -13.21
CA GLY A 794 -11.56 -12.05 -12.41
C GLY A 794 -12.24 -12.30 -11.06
N SER A 795 -12.52 -13.56 -10.69
CA SER A 795 -13.15 -13.92 -9.41
C SER A 795 -12.18 -14.27 -8.30
N THR A 796 -12.58 -13.97 -7.06
CA THR A 796 -11.86 -14.34 -5.83
C THR A 796 -11.66 -15.86 -5.72
N LYS A 797 -12.63 -16.65 -6.21
CA LYS A 797 -12.56 -18.10 -6.14
C LYS A 797 -11.51 -18.70 -7.10
N ARG A 798 -11.00 -17.92 -8.06
CA ARG A 798 -9.96 -18.36 -9.02
C ARG A 798 -8.61 -17.79 -8.57
N ARG A 799 -7.64 -18.68 -8.40
CA ARG A 799 -6.25 -18.38 -8.01
C ARG A 799 -5.25 -18.98 -8.98
N GLN A 800 -4.22 -18.23 -9.32
CA GLN A 800 -3.12 -18.62 -10.23
C GLN A 800 -1.75 -18.31 -9.60
N CYS A 801 -0.74 -19.11 -9.92
CA CYS A 801 0.64 -18.92 -9.42
C CYS A 801 1.49 -18.18 -10.45
N TYR A 802 2.28 -17.21 -10.00
CA TYR A 802 3.13 -16.37 -10.83
C TYR A 802 4.57 -16.28 -10.29
N PRO A 803 5.58 -16.24 -11.18
CA PRO A 803 6.95 -16.05 -10.78
C PRO A 803 7.16 -14.61 -10.30
N LYS A 804 8.03 -14.38 -9.33
CA LYS A 804 8.34 -13.03 -8.83
C LYS A 804 9.27 -12.27 -9.79
N ALA A 805 8.94 -11.02 -10.10
CA ALA A 805 9.75 -10.16 -10.97
C ALA A 805 11.01 -9.63 -10.27
N ILE A 806 12.15 -9.67 -10.96
CA ILE A 806 13.44 -9.12 -10.51
C ILE A 806 13.74 -7.88 -11.39
N PRO A 807 14.08 -6.70 -10.84
CA PRO A 807 14.36 -5.49 -11.61
C PRO A 807 15.45 -5.67 -12.67
N GLU A 808 15.26 -5.05 -13.84
CA GLU A 808 16.23 -5.13 -14.96
C GLU A 808 17.66 -4.74 -14.55
N CYS A 809 17.82 -3.73 -13.69
CA CYS A 809 19.11 -3.26 -13.18
C CYS A 809 19.81 -4.25 -12.22
N LEU A 810 19.10 -5.22 -11.64
CA LEU A 810 19.68 -6.24 -10.75
C LEU A 810 19.81 -7.61 -11.42
N ARG A 811 19.05 -7.85 -12.50
CA ARG A 811 19.07 -9.12 -13.23
C ARG A 811 20.39 -9.28 -13.98
N GLU A 812 21.06 -10.42 -13.84
CA GLU A 812 22.33 -10.74 -14.53
C GLU A 812 23.42 -9.65 -14.35
N SER A 813 23.41 -8.97 -13.19
CA SER A 813 24.28 -7.83 -12.87
C SER A 813 25.65 -8.15 -12.25
N TYR A 814 26.18 -9.37 -12.41
CA TYR A 814 27.47 -9.78 -11.81
C TYR A 814 28.71 -9.09 -12.43
N PRO A 815 29.55 -8.38 -11.63
CA PRO A 815 30.78 -7.75 -12.12
C PRO A 815 31.72 -8.78 -12.75
N LYS A 816 32.28 -8.49 -13.92
CA LYS A 816 33.26 -9.34 -14.64
C LYS A 816 34.71 -8.86 -14.46
N PRO A 817 35.73 -9.75 -14.48
CA PRO A 817 37.13 -9.34 -14.33
C PRO A 817 37.55 -8.35 -15.42
N ASP A 818 38.27 -7.30 -15.04
CA ASP A 818 38.78 -6.22 -15.91
C ASP A 818 37.71 -5.46 -16.74
N GLN A 819 36.42 -5.57 -16.37
CA GLN A 819 35.29 -4.90 -17.04
C GLN A 819 34.74 -3.74 -16.17
N PRO A 820 34.17 -2.67 -16.76
CA PRO A 820 33.62 -1.56 -15.99
C PRO A 820 32.43 -1.97 -15.09
N CYS A 821 32.44 -1.52 -13.84
CA CYS A 821 31.42 -1.77 -12.81
C CYS A 821 31.05 -0.49 -12.03
N TYR A 822 30.02 -0.58 -11.18
CA TYR A 822 29.49 0.51 -10.37
C TYR A 822 29.48 0.15 -8.88
N LEU A 823 29.90 1.11 -8.05
CA LEU A 823 29.93 1.00 -6.60
C LEU A 823 29.02 2.04 -5.96
N TYR A 824 28.03 1.55 -5.23
CA TYR A 824 27.08 2.38 -4.49
C TYR A 824 27.31 2.26 -2.99
N VAL A 825 27.22 3.36 -2.26
CA VAL A 825 27.34 3.39 -0.81
C VAL A 825 25.96 3.31 -0.23
N ILE A 826 25.82 2.48 0.79
CA ILE A 826 24.56 2.42 1.54
C ILE A 826 24.70 3.46 2.66
N GLY A 827 24.16 4.66 2.47
CA GLY A 827 24.13 5.71 3.48
C GLY A 827 23.04 5.37 4.49
N MET A 828 23.33 5.51 5.79
CA MET A 828 22.40 5.13 6.87
C MET A 828 22.37 6.21 7.95
N VAL A 829 21.21 6.81 8.22
CA VAL A 829 21.05 7.88 9.23
C VAL A 829 19.92 7.59 10.21
N LEU A 830 20.17 7.61 11.53
CA LEU A 830 19.14 7.40 12.55
C LEU A 830 18.25 8.63 12.64
N THR A 831 17.09 8.60 12.03
CA THR A 831 16.19 9.77 12.01
C THR A 831 15.25 9.78 13.19
N THR A 832 14.76 8.64 13.67
CA THR A 832 13.89 8.65 14.85
C THR A 832 14.40 7.66 15.86
N PRO A 833 15.11 8.11 16.90
CA PRO A 833 15.58 7.25 17.96
C PRO A 833 14.44 6.53 18.67
N LEU A 834 14.67 5.28 19.08
CA LEU A 834 13.71 4.51 19.86
C LEU A 834 13.56 5.01 21.32
N PRO A 835 12.35 5.25 21.84
CA PRO A 835 12.16 5.63 23.25
C PRO A 835 12.70 4.56 24.21
N ASP A 836 13.34 4.99 25.32
CA ASP A 836 13.91 4.07 26.33
C ASP A 836 12.90 3.06 26.92
N GLU A 837 11.61 3.40 26.94
CA GLU A 837 10.56 2.51 27.43
C GLU A 837 10.38 1.27 26.55
N LEU A 838 10.62 1.40 25.24
CA LEU A 838 10.49 0.31 24.26
C LEU A 838 11.81 -0.49 24.19
N ASN A 839 12.95 0.18 24.42
CA ASN A 839 14.31 -0.36 24.53
C ASN A 839 14.41 -1.05 25.90
N PHE A 840 13.81 -2.22 26.08
CA PHE A 840 13.70 -2.89 27.39
C PHE A 840 15.00 -3.09 28.21
N ARG A 841 16.18 -3.21 27.59
CA ARG A 841 17.47 -3.31 28.32
C ARG A 841 18.12 -1.92 28.54
N ARG A 842 17.55 -0.85 27.98
CA ARG A 842 18.03 0.55 27.96
C ARG A 842 19.50 0.65 27.49
N ARG A 843 19.83 -0.17 26.49
CA ARG A 843 21.15 -0.23 25.83
C ARG A 843 21.39 1.03 24.99
N LYS A 844 22.66 1.38 24.80
CA LYS A 844 23.09 2.49 23.96
C LYS A 844 22.53 2.34 22.54
N LEU A 845 21.86 3.37 22.02
CA LEU A 845 21.38 3.33 20.64
C LEU A 845 22.62 3.58 19.77
N TYR A 846 22.77 2.85 18.68
CA TYR A 846 23.93 3.04 17.83
C TYR A 846 23.52 3.67 16.50
N PRO A 847 23.67 5.00 16.34
CA PRO A 847 23.41 5.65 15.08
C PRO A 847 24.40 5.06 14.08
N PRO A 848 23.95 4.48 12.96
CA PRO A 848 24.86 3.87 11.99
C PRO A 848 25.93 4.84 11.48
N GLU A 849 25.59 6.12 11.37
CA GLU A 849 26.46 7.19 10.90
C GLU A 849 27.67 7.50 11.80
N ASP A 850 27.67 7.12 13.08
CA ASP A 850 28.78 7.35 14.01
C ASP A 850 30.07 6.53 13.73
N THR A 851 30.03 5.62 12.76
CA THR A 851 31.13 4.69 12.44
C THR A 851 31.65 4.79 11.01
N THR A 852 32.96 4.72 10.81
CA THR A 852 33.59 4.85 9.47
C THR A 852 33.34 3.73 8.45
N ARG A 853 33.16 2.49 8.91
CA ARG A 853 32.86 1.37 8.02
C ARG A 853 31.36 1.27 7.68
N CYS A 854 31.04 1.02 6.42
CA CYS A 854 29.68 0.78 5.93
C CYS A 854 29.72 -0.29 4.83
N PHE A 855 28.59 -0.52 4.17
CA PHE A 855 28.49 -1.42 3.04
C PHE A 855 28.30 -0.67 1.74
N GLY A 856 28.79 -1.28 0.69
CA GLY A 856 28.59 -0.82 -0.65
C GLY A 856 28.09 -1.94 -1.55
N ILE A 857 27.37 -1.58 -2.60
CA ILE A 857 26.80 -2.51 -3.57
C ILE A 857 27.63 -2.39 -4.81
N LEU A 858 28.18 -3.52 -5.23
CA LEU A 858 28.99 -3.65 -6.43
C LEU A 858 28.15 -4.41 -7.45
N THR A 859 27.96 -3.78 -8.61
CA THR A 859 27.13 -4.26 -9.72
C THR A 859 27.68 -3.87 -11.10
N ALA A 860 27.41 -4.70 -12.10
CA ALA A 860 27.80 -4.47 -13.49
C ALA A 860 26.87 -3.47 -14.22
N LYS A 861 25.65 -3.24 -13.69
CA LYS A 861 24.61 -2.35 -14.24
C LYS A 861 24.31 -1.20 -13.24
N PRO A 862 24.05 0.04 -13.71
CA PRO A 862 23.74 1.19 -12.85
C PRO A 862 22.36 1.08 -12.20
N ILE A 863 22.28 1.51 -10.94
CA ILE A 863 21.07 1.57 -10.11
C ILE A 863 20.50 3.01 -10.18
N PRO A 864 19.23 3.20 -10.54
CA PRO A 864 18.58 4.52 -10.60
C PRO A 864 18.33 5.13 -9.21
N GLN A 865 18.05 6.43 -9.16
CA GLN A 865 17.73 7.12 -7.92
C GLN A 865 16.38 6.63 -7.40
N ILE A 866 16.33 6.26 -6.13
CA ILE A 866 15.10 5.83 -5.47
C ILE A 866 14.88 6.71 -4.27
N PRO A 867 13.65 6.92 -3.84
CA PRO A 867 13.40 7.72 -2.65
C PRO A 867 14.08 7.06 -1.46
N HIS A 868 14.58 7.90 -0.55
CA HIS A 868 15.17 7.38 0.67
C HIS A 868 14.04 6.73 1.47
N PHE A 869 14.33 5.68 2.22
CA PHE A 869 13.28 4.95 2.91
C PHE A 869 13.71 4.57 4.31
N PRO A 870 12.75 4.45 5.25
CA PRO A 870 13.04 4.10 6.61
C PRO A 870 13.14 2.60 6.84
N VAL A 871 13.96 2.23 7.83
CA VAL A 871 14.14 0.87 8.33
C VAL A 871 14.04 0.99 9.86
N TYR A 872 13.32 0.07 10.51
CA TYR A 872 13.08 0.11 11.96
C TYR A 872 13.96 -0.89 12.72
N THR A 873 15.14 -0.41 13.09
CA THR A 873 16.20 -1.14 13.83
C THR A 873 15.99 -1.07 15.34
N ARG A 874 16.78 -1.79 16.16
CA ARG A 874 16.68 -1.63 17.63
C ARG A 874 17.15 -0.24 18.10
N SER A 875 17.89 0.51 17.27
CA SER A 875 18.26 1.90 17.57
C SER A 875 17.10 2.88 17.29
N GLY A 876 16.15 2.50 16.42
CA GLY A 876 15.00 3.30 15.99
C GLY A 876 14.90 3.37 14.47
N GLU A 877 14.16 4.36 13.98
CA GLU A 877 13.99 4.60 12.55
C GLU A 877 15.25 5.16 11.93
N VAL A 878 15.75 4.43 10.93
CA VAL A 878 16.95 4.77 10.16
C VAL A 878 16.56 5.08 8.73
N THR A 879 16.85 6.27 8.23
CA THR A 879 16.63 6.61 6.83
C THR A 879 17.82 6.14 5.99
N ILE A 880 17.50 5.38 4.95
CA ILE A 880 18.46 4.76 4.05
C ILE A 880 18.56 5.50 2.73
N SER A 881 19.80 5.73 2.29
CA SER A 881 20.14 6.33 1.02
C SER A 881 21.08 5.37 0.28
N ILE A 882 20.89 5.28 -1.04
CA ILE A 882 21.71 4.46 -1.93
C ILE A 882 22.38 5.50 -2.82
N GLU A 883 23.69 5.66 -2.67
CA GLU A 883 24.43 6.76 -3.31
C GLU A 883 25.57 6.25 -4.19
N LEU A 884 25.62 6.65 -5.47
CA LEU A 884 26.70 6.22 -6.36
C LEU A 884 28.02 6.86 -5.93
N LYS A 885 29.01 6.03 -5.63
CA LYS A 885 30.35 6.45 -5.22
C LYS A 885 31.38 6.33 -6.34
N LYS A 886 31.39 5.23 -7.11
CA LYS A 886 32.32 5.06 -8.24
C LYS A 886 31.62 4.44 -9.45
N SER A 887 31.97 4.87 -10.66
CA SER A 887 31.41 4.36 -11.93
C SER A 887 32.51 4.17 -12.99
N GLY A 888 32.39 3.10 -13.78
CA GLY A 888 33.32 2.79 -14.88
C GLY A 888 34.71 2.27 -14.48
N PHE A 889 34.91 1.86 -13.22
CA PHE A 889 36.19 1.32 -12.74
C PHE A 889 36.24 -0.19 -12.94
N THR A 890 37.45 -0.76 -12.94
CA THR A 890 37.66 -2.19 -13.18
C THR A 890 38.25 -2.88 -11.95
N LEU A 891 37.98 -4.19 -11.83
CA LEU A 891 38.46 -5.05 -10.75
C LEU A 891 39.14 -6.30 -11.30
N SER A 892 40.28 -6.69 -10.72
CA SER A 892 41.00 -7.90 -11.11
C SER A 892 40.26 -9.16 -10.64
N GLN A 893 40.59 -10.32 -11.24
CA GLN A 893 40.02 -11.60 -10.84
C GLN A 893 40.20 -11.83 -9.33
N GLN A 894 41.40 -11.56 -8.79
CA GLN A 894 41.69 -11.74 -7.37
C GLN A 894 40.86 -10.81 -6.47
N MET A 895 40.70 -9.53 -6.86
CA MET A 895 39.89 -8.59 -6.10
C MET A 895 38.43 -9.03 -6.09
N LEU A 896 37.91 -9.44 -7.26
CA LEU A 896 36.53 -9.91 -7.41
C LEU A 896 36.30 -11.21 -6.62
N GLU A 897 37.22 -12.16 -6.67
CA GLU A 897 37.12 -13.40 -5.90
C GLU A 897 37.07 -13.09 -4.40
N LEU A 898 37.87 -12.14 -3.92
CA LEU A 898 37.86 -11.75 -2.52
C LEU A 898 36.50 -11.18 -2.13
N ILE A 899 35.97 -10.30 -2.97
CA ILE A 899 34.66 -9.69 -2.78
C ILE A 899 33.55 -10.74 -2.80
N THR A 900 33.53 -11.61 -3.80
CA THR A 900 32.48 -12.63 -3.93
C THR A 900 32.53 -13.60 -2.76
N ARG A 901 33.73 -14.01 -2.34
CA ARG A 901 33.89 -14.93 -1.19
C ARG A 901 33.37 -14.26 0.08
N LEU A 902 33.71 -13.00 0.29
CA LEU A 902 33.20 -12.28 1.45
C LEU A 902 31.68 -12.11 1.33
N HIS A 903 31.15 -11.84 0.14
CA HIS A 903 29.70 -11.73 -0.09
C HIS A 903 29.00 -13.03 0.30
N GLN A 904 29.48 -14.17 -0.18
CA GLN A 904 28.93 -15.45 0.22
C GLN A 904 29.00 -15.57 1.74
N TYR A 905 30.16 -15.21 2.32
CA TYR A 905 30.39 -15.28 3.74
C TYR A 905 29.36 -14.49 4.55
N ILE A 906 28.95 -13.33 4.08
CA ILE A 906 27.93 -12.52 4.77
C ILE A 906 26.62 -13.27 4.84
N PHE A 907 26.10 -13.70 3.69
CA PHE A 907 24.79 -14.34 3.64
C PHE A 907 24.78 -15.75 4.22
N SER A 908 25.83 -16.52 3.99
CA SER A 908 25.89 -17.87 4.51
C SER A 908 26.34 -17.95 5.97
N HIS A 909 27.45 -17.33 6.32
CA HIS A 909 27.99 -17.43 7.67
C HIS A 909 27.45 -16.37 8.60
N ILE A 910 27.49 -15.10 8.26
CA ILE A 910 27.06 -14.06 9.20
C ILE A 910 25.55 -14.08 9.44
N LEU A 911 24.77 -14.01 8.36
CA LEU A 911 23.31 -13.96 8.42
C LEU A 911 22.62 -15.32 8.49
N ARG A 912 23.33 -16.43 8.18
CA ARG A 912 22.78 -17.81 8.23
C ARG A 912 21.53 -17.99 7.36
N LEU A 913 21.51 -17.34 6.20
CA LEU A 913 20.41 -17.41 5.22
C LEU A 913 20.59 -18.55 4.19
N GLU A 914 21.80 -19.09 4.06
CA GLU A 914 22.03 -20.23 3.19
C GLU A 914 21.42 -21.47 3.86
N LYS A 915 20.49 -22.13 3.16
CA LYS A 915 19.77 -23.32 3.60
C LYS A 915 20.02 -24.48 2.66
N PRO A 916 19.77 -25.74 3.05
CA PRO A 916 19.97 -26.89 2.18
C PRO A 916 19.28 -26.75 0.83
N ALA A 917 18.14 -26.07 0.79
CA ALA A 917 17.40 -25.82 -0.44
C ALA A 917 18.04 -24.71 -1.33
N LEU A 918 18.98 -23.92 -0.81
CA LEU A 918 19.63 -22.82 -1.54
C LEU A 918 21.09 -23.12 -1.84
N GLU A 919 21.55 -22.74 -3.04
CA GLU A 919 22.93 -22.90 -3.49
C GLU A 919 23.53 -21.57 -3.99
N PHE A 920 24.74 -21.23 -3.56
CA PHE A 920 25.41 -20.02 -3.99
C PHE A 920 26.02 -20.18 -5.38
N LYS A 921 25.40 -19.59 -6.40
CA LYS A 921 25.84 -19.63 -7.80
C LYS A 921 25.77 -18.20 -8.32
N PRO A 922 26.77 -17.34 -8.03
CA PRO A 922 26.74 -15.94 -8.40
C PRO A 922 26.65 -15.67 -9.90
N THR A 923 27.21 -16.56 -10.72
CA THR A 923 27.16 -16.44 -12.19
C THR A 923 25.84 -16.96 -12.79
N GLY A 924 25.13 -17.86 -12.08
CA GLY A 924 23.85 -18.47 -12.50
C GLY A 924 22.59 -17.89 -11.85
N ALA A 925 22.72 -17.11 -10.78
CA ALA A 925 21.64 -16.48 -10.03
C ALA A 925 20.93 -15.40 -10.86
N GLU A 926 19.61 -15.30 -10.72
CA GLU A 926 18.85 -14.27 -11.46
C GLU A 926 19.26 -12.87 -10.94
N SER A 927 19.26 -12.68 -9.62
CA SER A 927 19.69 -11.45 -8.94
C SER A 927 21.17 -11.65 -8.60
N ALA A 928 22.07 -11.03 -9.37
CA ALA A 928 23.50 -11.30 -9.32
C ALA A 928 24.48 -10.18 -8.91
N TYR A 929 24.26 -9.45 -7.82
CA TYR A 929 25.16 -8.37 -7.38
C TYR A 929 25.89 -8.70 -6.08
N CYS A 930 27.04 -8.06 -5.87
CA CYS A 930 27.83 -8.24 -4.66
C CYS A 930 27.70 -7.06 -3.69
N VAL A 931 27.83 -7.38 -2.40
CA VAL A 931 27.87 -6.42 -1.27
C VAL A 931 29.26 -6.50 -0.66
N LEU A 932 29.88 -5.37 -0.37
CA LEU A 932 31.25 -5.30 0.17
C LEU A 932 31.45 -4.20 1.22
N PRO A 933 32.47 -4.33 2.09
CA PRO A 933 32.77 -3.31 3.09
C PRO A 933 33.50 -2.11 2.50
N LEU A 934 33.03 -0.93 2.90
CA LEU A 934 33.61 0.35 2.56
C LEU A 934 34.07 1.00 3.83
N ASN A 935 35.15 1.75 3.77
CA ASN A 935 35.67 2.44 4.92
C ASN A 935 36.21 3.80 4.52
N VAL A 936 36.25 4.71 5.50
CA VAL A 936 36.79 6.05 5.33
C VAL A 936 38.31 5.94 5.24
N VAL A 937 38.89 6.47 4.16
CA VAL A 937 40.34 6.46 3.94
C VAL A 937 41.01 7.58 4.74
N ASN A 938 41.94 7.25 5.62
CA ASN A 938 42.78 8.19 6.39
C ASN A 938 42.02 9.37 7.06
N ASP A 939 40.83 9.13 7.61
CA ASP A 939 39.97 10.17 8.25
C ASP A 939 39.58 11.35 7.33
N SER A 940 39.77 11.23 6.01
CA SER A 940 39.42 12.25 5.01
C SER A 940 37.91 12.38 4.77
N GLY A 941 37.09 11.53 5.42
CA GLY A 941 35.65 11.44 5.22
C GLY A 941 35.28 10.75 3.90
N THR A 942 36.26 10.38 3.06
CA THR A 942 36.04 9.72 1.76
C THR A 942 36.02 8.19 1.90
N LEU A 943 34.94 7.55 1.44
CA LEU A 943 34.73 6.10 1.47
C LEU A 943 35.35 5.39 0.26
N ASP A 944 35.98 4.26 0.53
CA ASP A 944 36.57 3.38 -0.48
C ASP A 944 36.47 1.90 -0.03
N ILE A 945 36.70 0.96 -0.96
CA ILE A 945 36.68 -0.49 -0.74
C ILE A 945 37.78 -0.86 0.27
N ASP A 946 37.41 -1.45 1.40
CA ASP A 946 38.38 -1.82 2.45
C ASP A 946 39.04 -3.20 2.17
N PHE A 947 39.83 -3.27 1.10
CA PHE A 947 40.54 -4.50 0.70
C PHE A 947 41.37 -5.09 1.82
N LYS A 948 42.07 -4.26 2.59
CA LYS A 948 42.89 -4.69 3.72
C LYS A 948 42.04 -5.47 4.70
N PHE A 949 40.89 -4.91 5.09
CA PHE A 949 39.96 -5.59 5.98
C PHE A 949 39.42 -6.88 5.33
N MET A 950 39.13 -6.92 4.03
CA MET A 950 38.66 -8.17 3.40
C MET A 950 39.75 -9.25 3.44
N GLU A 951 40.98 -8.88 3.15
CA GLU A 951 42.12 -9.80 3.23
C GLU A 951 42.35 -10.23 4.68
N ASP A 952 42.22 -9.34 5.66
CA ASP A 952 42.38 -9.69 7.08
C ASP A 952 41.33 -10.73 7.49
N ILE A 953 40.11 -10.62 6.96
CA ILE A 953 39.05 -11.60 7.19
C ILE A 953 39.46 -12.95 6.60
N GLU A 954 40.06 -12.98 5.41
CA GLU A 954 40.50 -14.21 4.74
C GLU A 954 41.67 -14.88 5.48
N LYS A 955 42.64 -14.12 5.99
CA LYS A 955 43.79 -14.66 6.74
C LYS A 955 43.34 -15.18 8.12
N SER A 956 42.20 -14.72 8.61
CA SER A 956 41.68 -15.09 9.93
C SER A 956 41.13 -16.52 9.96
N GLU A 957 41.70 -17.36 10.82
CA GLU A 957 41.26 -18.75 11.04
C GLU A 957 39.79 -18.78 11.53
N ALA A 958 39.35 -17.71 12.21
CA ALA A 958 38.00 -17.52 12.76
C ALA A 958 36.88 -17.46 11.71
N ARG A 959 37.25 -17.41 10.42
CA ARG A 959 36.32 -17.37 9.29
C ARG A 959 35.61 -18.71 9.09
N ILE A 960 36.35 -19.82 9.16
CA ILE A 960 35.83 -21.16 8.83
C ILE A 960 35.17 -21.84 10.04
N GLY A 961 35.61 -21.52 11.26
CA GLY A 961 35.09 -22.08 12.50
C GLY A 961 35.73 -21.44 13.73
N ILE A 962 35.57 -22.07 14.89
CA ILE A 962 36.13 -21.58 16.15
C ILE A 962 37.65 -21.80 16.21
N PRO A 963 38.50 -20.75 16.38
CA PRO A 963 39.95 -20.88 16.47
C PRO A 963 40.42 -21.79 17.61
N SER A 964 41.34 -22.71 17.29
CA SER A 964 41.91 -23.71 18.20
C SER A 964 43.04 -23.18 19.11
N THR A 965 43.25 -21.86 19.19
CA THR A 965 44.31 -21.24 19.99
C THR A 965 44.04 -21.32 21.51
N LYS A 966 44.49 -22.38 22.17
CA LYS A 966 44.35 -22.55 23.62
C LYS A 966 45.56 -21.96 24.33
N TYR A 967 45.29 -21.12 25.32
CA TYR A 967 46.29 -20.41 26.10
C TYR A 967 46.86 -21.31 27.21
N SER A 968 48.16 -21.17 27.49
CA SER A 968 48.87 -21.95 28.52
C SER A 968 49.65 -21.03 29.45
N LYS A 969 50.23 -21.54 30.54
CA LYS A 969 51.03 -20.71 31.46
C LYS A 969 52.26 -20.11 30.79
N GLU A 970 52.77 -20.76 29.73
CA GLU A 970 53.91 -20.33 28.91
C GLU A 970 53.51 -19.23 27.92
N THR A 971 52.28 -19.31 27.40
CA THR A 971 51.69 -18.35 26.46
C THR A 971 50.34 -17.90 27.05
N PRO A 972 50.36 -17.09 28.13
CA PRO A 972 49.15 -16.62 28.79
C PRO A 972 48.39 -15.62 27.94
N PHE A 973 47.06 -15.57 28.10
CA PHE A 973 46.20 -14.64 27.37
C PHE A 973 46.43 -13.17 27.73
N VAL A 974 46.64 -12.33 26.71
CA VAL A 974 46.83 -10.88 26.85
C VAL A 974 45.61 -10.16 26.27
N PHE A 975 44.91 -9.43 27.12
CA PHE A 975 43.75 -8.65 26.73
C PHE A 975 44.19 -7.33 26.06
N LYS A 976 43.65 -7.00 24.88
CA LYS A 976 43.91 -5.73 24.19
C LYS A 976 42.56 -5.04 24.05
N LEU A 977 42.36 -3.90 24.72
CA LEU A 977 41.04 -3.23 24.72
C LEU A 977 40.58 -2.83 23.31
N GLU A 978 41.50 -2.33 22.51
CA GLU A 978 41.20 -1.88 21.15
C GLU A 978 40.54 -3.00 20.33
N ASP A 979 40.92 -4.25 20.57
CA ASP A 979 40.36 -5.37 19.85
C ASP A 979 38.91 -5.68 20.23
N TYR A 980 38.37 -5.19 21.35
CA TYR A 980 37.01 -5.53 21.80
C TYR A 980 35.99 -4.41 21.78
N GLN A 981 36.43 -3.15 21.64
CA GLN A 981 35.51 -2.01 21.68
C GLN A 981 34.38 -2.08 20.65
N ASP A 982 34.66 -2.66 19.49
CA ASP A 982 33.71 -2.79 18.38
C ASP A 982 33.76 -4.21 17.82
N ALA A 983 33.89 -5.21 18.70
CA ALA A 983 33.97 -6.63 18.35
C ALA A 983 32.69 -7.46 18.47
N VAL A 984 32.61 -8.43 17.57
CA VAL A 984 31.63 -9.52 17.60
C VAL A 984 32.44 -10.71 18.14
N ILE A 985 31.96 -11.39 19.17
CA ILE A 985 32.67 -12.51 19.79
C ILE A 985 31.87 -13.81 19.73
N ILE A 986 32.62 -14.91 19.73
CA ILE A 986 32.11 -16.29 19.68
C ILE A 986 32.67 -17.10 20.86
N PRO A 987 31.86 -17.64 21.80
CA PRO A 987 32.35 -18.46 22.92
C PRO A 987 32.92 -19.76 22.34
N ARG A 988 34.14 -20.15 22.74
CA ARG A 988 34.88 -21.28 22.15
C ARG A 988 34.65 -22.69 22.72
N TYR A 989 33.87 -22.81 23.78
CA TYR A 989 33.64 -24.04 24.52
C TYR A 989 32.23 -24.68 24.38
N ARG A 990 31.31 -24.09 23.60
CA ARG A 990 29.90 -24.54 23.48
C ARG A 990 29.24 -24.34 22.10
N ASN A 991 28.18 -25.10 21.84
CA ASN A 991 27.29 -24.99 20.67
C ASN A 991 28.06 -24.96 19.35
N PHE A 992 28.98 -25.89 19.17
CA PHE A 992 29.90 -25.94 18.04
C PHE A 992 29.26 -25.94 16.65
N ASP A 993 28.07 -26.53 16.50
CA ASP A 993 27.36 -26.58 15.22
C ASP A 993 26.74 -25.22 14.84
N GLN A 994 26.23 -24.50 15.84
CA GLN A 994 25.62 -23.19 15.75
C GLN A 994 26.20 -22.27 16.83
N PRO A 995 27.46 -21.80 16.68
CA PRO A 995 28.06 -20.92 17.67
C PRO A 995 27.24 -19.64 17.83
N HIS A 996 26.84 -19.32 19.06
CA HIS A 996 26.10 -18.10 19.36
C HIS A 996 27.04 -16.89 19.20
N ARG A 997 26.66 -15.85 18.44
CA ARG A 997 27.47 -14.63 18.26
C ARG A 997 26.92 -13.49 19.08
N PHE A 998 27.83 -12.69 19.65
CA PHE A 998 27.43 -11.56 20.46
C PHE A 998 28.20 -10.27 20.19
N TYR A 999 27.52 -9.14 20.26
CA TYR A 999 28.15 -7.85 20.18
C TYR A 999 28.75 -7.47 21.52
N VAL A 1000 29.99 -6.99 21.56
CA VAL A 1000 30.51 -6.46 22.82
C VAL A 1000 29.78 -5.15 23.04
N ALA A 1001 28.91 -5.09 24.04
CA ALA A 1001 28.15 -3.89 24.36
C ALA A 1001 29.03 -2.97 25.21
N ASP A 1002 29.78 -3.52 26.16
CA ASP A 1002 30.71 -2.78 27.01
C ASP A 1002 31.84 -3.69 27.55
N VAL A 1003 32.93 -3.11 28.06
CA VAL A 1003 34.04 -3.84 28.67
C VAL A 1003 34.15 -3.43 30.12
N TYR A 1004 33.81 -4.32 31.03
CA TYR A 1004 33.91 -4.10 32.47
C TYR A 1004 35.32 -4.37 32.94
N THR A 1005 36.07 -3.30 33.21
CA THR A 1005 37.44 -3.37 33.73
C THR A 1005 37.46 -3.62 35.25
N ASP A 1006 36.33 -3.45 35.92
CA ASP A 1006 36.12 -3.66 37.35
C ASP A 1006 35.70 -5.12 37.67
N LEU A 1007 35.28 -5.90 36.67
CA LEU A 1007 34.88 -7.30 36.79
C LEU A 1007 35.95 -8.22 36.18
N THR A 1008 36.18 -9.39 36.80
CA THR A 1008 37.18 -10.40 36.42
C THR A 1008 36.62 -11.81 36.48
N PRO A 1009 37.29 -12.84 35.95
CA PRO A 1009 36.83 -14.22 36.08
C PRO A 1009 36.44 -14.69 37.50
N LEU A 1010 36.95 -14.05 38.55
CA LEU A 1010 36.63 -14.37 39.94
C LEU A 1010 35.32 -13.69 40.43
N SER A 1011 34.70 -12.82 39.62
CA SER A 1011 33.44 -12.13 39.92
C SER A 1011 32.21 -13.05 39.75
N LYS A 1012 31.06 -12.67 40.34
CA LYS A 1012 29.82 -13.47 40.31
C LYS A 1012 29.27 -13.76 38.90
N PHE A 1013 28.86 -14.99 38.64
CA PHE A 1013 28.35 -15.38 37.32
C PHE A 1013 26.86 -14.99 37.06
N PRO A 1014 26.44 -14.61 35.83
CA PRO A 1014 25.06 -14.19 35.55
C PRO A 1014 24.01 -15.31 35.66
N SER A 1015 24.38 -16.56 35.39
CA SER A 1015 23.48 -17.71 35.57
C SER A 1015 23.53 -18.14 37.05
N PRO A 1016 22.40 -18.37 37.73
CA PRO A 1016 22.38 -18.77 39.14
C PRO A 1016 23.01 -20.14 39.42
N GLU A 1017 23.30 -20.89 38.36
CA GLU A 1017 23.91 -22.22 38.39
C GLU A 1017 25.36 -22.25 38.92
N TYR A 1018 26.12 -21.15 38.84
CA TYR A 1018 27.55 -21.09 39.23
C TYR A 1018 27.87 -19.85 40.08
N GLU A 1019 28.83 -19.95 40.99
CA GLU A 1019 29.22 -18.80 41.84
C GLU A 1019 30.02 -17.79 41.03
N THR A 1020 31.03 -18.20 40.27
CA THR A 1020 31.91 -17.30 39.51
C THR A 1020 32.14 -17.75 38.07
N PHE A 1021 32.61 -16.83 37.22
CA PHE A 1021 32.94 -17.14 35.83
C PHE A 1021 33.98 -18.27 35.76
N ALA A 1022 35.04 -18.20 36.57
CA ALA A 1022 36.06 -19.26 36.60
C ALA A 1022 35.46 -20.61 37.02
N GLU A 1023 34.56 -20.64 38.01
CA GLU A 1023 33.92 -21.89 38.44
C GLU A 1023 33.08 -22.48 37.31
N TYR A 1024 32.33 -21.60 36.64
CA TYR A 1024 31.46 -21.93 35.51
C TYR A 1024 32.22 -22.64 34.38
N TYR A 1025 33.30 -22.07 33.87
CA TYR A 1025 34.02 -22.68 32.76
C TYR A 1025 34.69 -23.99 33.19
N LYS A 1026 35.21 -24.03 34.42
CA LYS A 1026 35.85 -25.21 35.00
C LYS A 1026 34.85 -26.34 35.17
N THR A 1027 33.67 -26.03 35.70
CA THR A 1027 32.61 -27.02 35.94
C THR A 1027 31.93 -27.48 34.65
N LYS A 1028 31.63 -26.57 33.71
CA LYS A 1028 30.91 -26.92 32.46
C LYS A 1028 31.77 -27.41 31.29
N TYR A 1029 33.01 -26.95 31.13
CA TYR A 1029 33.86 -27.35 29.99
C TYR A 1029 35.26 -27.83 30.40
N ASN A 1030 35.54 -27.92 31.71
CA ASN A 1030 36.84 -28.34 32.25
C ASN A 1030 37.99 -27.41 31.79
N LEU A 1031 37.73 -26.10 31.71
CA LEU A 1031 38.71 -25.10 31.27
C LEU A 1031 39.25 -24.23 32.41
N ASP A 1032 40.57 -24.30 32.63
CA ASP A 1032 41.28 -23.48 33.62
C ASP A 1032 41.81 -22.23 32.91
N LEU A 1033 41.47 -21.05 33.43
CA LEU A 1033 41.88 -19.76 32.86
C LEU A 1033 43.33 -19.39 33.21
N THR A 1034 44.09 -18.90 32.22
CA THR A 1034 45.49 -18.46 32.41
C THR A 1034 45.54 -17.05 33.00
N ASN A 1035 44.58 -16.19 32.67
CA ASN A 1035 44.54 -14.82 33.17
C ASN A 1035 43.26 -14.56 34.01
N LEU A 1036 43.32 -14.81 35.33
CA LEU A 1036 42.17 -14.60 36.24
C LEU A 1036 41.88 -13.11 36.52
N ASN A 1037 42.75 -12.20 36.08
CA ASN A 1037 42.60 -10.75 36.28
C ASN A 1037 42.13 -10.02 35.03
N GLN A 1038 41.85 -10.72 33.91
CA GLN A 1038 41.37 -10.10 32.68
C GLN A 1038 39.99 -9.45 32.89
N PRO A 1039 39.67 -8.35 32.19
CA PRO A 1039 38.35 -7.74 32.26
C PRO A 1039 37.28 -8.66 31.66
N LEU A 1040 36.01 -8.36 31.94
CA LEU A 1040 34.88 -9.11 31.38
C LEU A 1040 34.11 -8.27 30.35
N LEU A 1041 33.48 -8.97 29.41
CA LEU A 1041 32.75 -8.37 28.31
C LEU A 1041 31.24 -8.41 28.55
N ASP A 1042 30.58 -7.25 28.47
CA ASP A 1042 29.11 -7.18 28.51
C ASP A 1042 28.70 -7.42 27.06
N VAL A 1043 27.81 -8.37 26.82
CA VAL A 1043 27.46 -8.79 25.46
C VAL A 1043 25.97 -8.88 25.15
N ASP A 1044 25.61 -8.64 23.89
CA ASP A 1044 24.24 -8.76 23.39
C ASP A 1044 24.17 -9.73 22.20
N HIS A 1045 23.15 -10.59 22.14
CA HIS A 1045 22.97 -11.50 21.01
C HIS A 1045 22.79 -10.80 19.66
N THR A 1046 23.43 -11.32 18.62
CA THR A 1046 23.23 -10.82 17.27
C THR A 1046 21.77 -11.14 16.84
N SER A 1047 21.06 -10.16 16.28
CA SER A 1047 19.62 -10.28 15.93
C SER A 1047 19.23 -11.36 14.92
N SER A 1048 18.24 -12.19 15.29
CA SER A 1048 17.64 -13.21 14.40
C SER A 1048 16.49 -12.62 13.57
N ARG A 1049 15.88 -11.50 13.99
CA ARG A 1049 14.82 -10.80 13.24
C ARG A 1049 15.46 -10.05 12.08
N LEU A 1050 15.17 -10.45 10.85
CA LEU A 1050 15.74 -9.79 9.66
C LEU A 1050 14.72 -8.86 8.95
N ASN A 1051 13.43 -9.01 9.22
CA ASN A 1051 12.39 -8.11 8.71
C ASN A 1051 12.31 -6.89 9.64
N LEU A 1052 12.74 -5.74 9.11
CA LEU A 1052 12.80 -4.45 9.77
C LEU A 1052 11.98 -3.36 9.00
N LEU A 1053 11.05 -3.77 8.12
CA LEU A 1053 10.24 -2.87 7.26
C LEU A 1053 9.11 -2.12 7.95
N THR A 1054 8.78 -2.49 9.20
CA THR A 1054 7.73 -1.84 10.00
C THR A 1054 8.10 -1.71 11.47
N PRO A 1055 7.59 -0.71 12.20
CA PRO A 1055 7.87 -0.56 13.62
C PRO A 1055 7.31 -1.72 14.45
N ARG A 1056 8.01 -2.10 15.53
CA ARG A 1056 7.55 -3.16 16.45
C ARG A 1056 6.32 -2.72 17.26
N HIS A 1057 6.23 -1.44 17.57
CA HIS A 1057 5.15 -0.84 18.37
C HIS A 1057 4.13 -0.07 17.53
N LEU A 1086 30.92 -12.36 29.72
CA LEU A 1086 31.78 -13.41 29.20
C LEU A 1086 33.28 -13.10 29.38
N VAL A 1087 34.09 -14.15 29.50
CA VAL A 1087 35.54 -14.05 29.62
C VAL A 1087 36.19 -13.95 28.24
N PRO A 1088 36.97 -12.89 27.94
CA PRO A 1088 37.65 -12.69 26.67
C PRO A 1088 38.51 -13.89 26.23
N GLU A 1089 39.30 -14.46 27.14
CA GLU A 1089 40.20 -15.59 26.88
C GLU A 1089 39.48 -16.81 26.28
N LEU A 1090 38.20 -17.00 26.64
CA LEU A 1090 37.37 -18.10 26.17
C LEU A 1090 36.53 -17.74 24.95
N CYS A 1091 36.73 -16.56 24.39
CA CYS A 1091 36.00 -16.07 23.24
C CYS A 1091 36.93 -15.79 22.07
N ALA A 1092 36.46 -16.12 20.87
CA ALA A 1092 37.20 -15.82 19.66
C ALA A 1092 36.67 -14.48 19.16
N ILE A 1093 37.54 -13.65 18.61
CA ILE A 1093 37.11 -12.39 18.04
C ILE A 1093 36.79 -12.66 16.59
N HIS A 1094 35.55 -12.39 16.19
CA HIS A 1094 35.20 -12.55 14.79
C HIS A 1094 35.87 -11.38 14.07
N PRO A 1095 36.50 -11.58 12.90
CA PRO A 1095 37.27 -10.51 12.25
C PRO A 1095 36.43 -9.28 11.82
N ILE A 1096 35.10 -9.42 11.72
CA ILE A 1096 34.16 -8.34 11.39
C ILE A 1096 33.75 -7.55 12.64
N PRO A 1097 33.86 -6.20 12.63
CA PRO A 1097 33.48 -5.37 13.75
C PRO A 1097 31.96 -5.32 13.96
N ALA A 1098 31.55 -5.11 15.20
CA ALA A 1098 30.16 -5.08 15.61
C ALA A 1098 29.31 -4.01 14.93
N SER A 1099 29.87 -2.83 14.72
CA SER A 1099 29.21 -1.76 13.99
C SER A 1099 28.77 -2.26 12.61
N LEU A 1100 29.70 -2.83 11.85
CA LEU A 1100 29.42 -3.31 10.51
C LEU A 1100 28.43 -4.46 10.56
N TRP A 1101 28.54 -5.36 11.54
CA TRP A 1101 27.59 -6.46 11.70
C TRP A 1101 26.18 -5.89 11.94
N ARG A 1102 26.01 -4.83 12.74
CA ARG A 1102 24.69 -4.21 12.92
C ARG A 1102 24.14 -3.74 11.59
N LYS A 1103 25.02 -3.18 10.74
CA LYS A 1103 24.62 -2.75 9.40
C LYS A 1103 24.25 -3.96 8.55
N ALA A 1104 24.99 -5.04 8.66
CA ALA A 1104 24.77 -6.26 7.87
C ALA A 1104 23.37 -6.83 8.12
N VAL A 1105 22.89 -6.81 9.38
CA VAL A 1105 21.56 -7.31 9.77
C VAL A 1105 20.43 -6.59 9.01
N CYS A 1106 20.66 -5.35 8.58
CA CYS A 1106 19.68 -4.60 7.82
C CYS A 1106 19.70 -4.97 6.32
N LEU A 1107 20.77 -5.58 5.81
CA LEU A 1107 20.91 -5.87 4.37
C LEU A 1107 19.70 -6.60 3.78
N PRO A 1108 19.10 -7.63 4.39
CA PRO A 1108 17.92 -8.27 3.81
C PRO A 1108 16.75 -7.29 3.62
N SER A 1109 16.37 -6.52 4.65
CA SER A 1109 15.27 -5.56 4.51
C SER A 1109 15.63 -4.47 3.52
N ILE A 1110 16.88 -3.99 3.56
CA ILE A 1110 17.35 -2.94 2.65
C ILE A 1110 17.29 -3.44 1.22
N LEU A 1111 17.88 -4.60 0.92
CA LEU A 1111 17.94 -5.13 -0.42
C LEU A 1111 16.56 -5.48 -0.94
N TYR A 1112 15.71 -6.02 -0.06
CA TYR A 1112 14.34 -6.34 -0.42
C TYR A 1112 13.59 -5.06 -0.75
N ARG A 1113 13.69 -4.03 0.10
CA ARG A 1113 13.03 -2.77 -0.15
C ARG A 1113 13.55 -2.14 -1.44
N LEU A 1114 14.86 -2.14 -1.64
CA LEU A 1114 15.54 -1.63 -2.82
C LEU A 1114 14.94 -2.33 -4.04
N HIS A 1115 14.90 -3.66 -4.02
CA HIS A 1115 14.34 -4.48 -5.07
C HIS A 1115 12.90 -4.08 -5.40
N CYS A 1116 12.07 -3.90 -4.37
CA CYS A 1116 10.66 -3.49 -4.47
C CYS A 1116 10.55 -2.08 -5.07
N LEU A 1117 11.34 -1.13 -4.59
CA LEU A 1117 11.31 0.25 -5.10
C LEU A 1117 11.79 0.29 -6.55
N LEU A 1118 12.78 -0.53 -6.89
CA LEU A 1118 13.29 -0.62 -8.26
C LEU A 1118 12.20 -1.21 -9.16
N THR A 1119 11.43 -2.17 -8.68
CA THR A 1119 10.32 -2.70 -9.46
C THR A 1119 9.26 -1.60 -9.69
N ALA A 1120 8.95 -0.78 -8.68
CA ALA A 1120 7.98 0.30 -8.81
C ALA A 1120 8.48 1.40 -9.77
N GLU A 1121 9.77 1.75 -9.68
CA GLU A 1121 10.41 2.73 -10.55
C GLU A 1121 10.42 2.17 -11.97
N GLU A 1122 10.68 0.88 -12.14
CA GLU A 1122 10.64 0.23 -13.44
C GLU A 1122 9.25 0.37 -14.05
N LEU A 1123 8.20 0.12 -13.26
CA LEU A 1123 6.83 0.29 -13.72
C LEU A 1123 6.55 1.78 -14.02
N ARG A 1124 7.06 2.71 -13.21
CA ARG A 1124 6.92 4.14 -13.47
C ARG A 1124 7.54 4.50 -14.81
N ALA A 1125 8.78 4.10 -15.05
CA ALA A 1125 9.53 4.37 -16.28
C ALA A 1125 8.88 3.71 -17.49
N GLN A 1126 8.43 2.46 -17.36
CA GLN A 1126 7.72 1.75 -18.43
C GLN A 1126 6.45 2.51 -18.79
N THR A 1127 5.72 3.01 -17.78
CA THR A 1127 4.50 3.77 -18.04
C THR A 1127 4.82 5.10 -18.70
N ALA A 1128 5.92 5.77 -18.34
CA ALA A 1128 6.33 7.01 -19.01
C ALA A 1128 6.64 6.74 -20.50
N SER A 1129 7.19 5.57 -20.82
CA SER A 1129 7.45 5.16 -22.21
C SER A 1129 6.17 4.77 -22.97
N ASP A 1130 5.30 3.96 -22.36
CA ASP A 1130 4.07 3.43 -22.97
C ASP A 1130 2.88 4.41 -23.04
N ALA A 1131 2.67 5.22 -22.01
CA ALA A 1131 1.59 6.21 -21.92
C ALA A 1131 2.02 7.66 -22.22
N GLY A 1132 3.33 7.95 -22.27
CA GLY A 1132 3.81 9.34 -22.45
C GLY A 1132 3.51 10.22 -21.22
N VAL A 1133 3.31 9.59 -20.04
CA VAL A 1133 2.99 10.22 -18.75
C VAL A 1133 4.22 10.23 -17.84
N GLY A 1134 4.75 11.43 -17.60
CA GLY A 1134 5.94 11.64 -16.80
C GLY A 1134 7.19 11.66 -17.69
N VAL A 1135 8.37 11.60 -17.08
CA VAL A 1135 9.66 11.56 -17.79
C VAL A 1135 10.28 10.17 -17.59
N ARG A 1136 10.93 9.58 -18.60
CA ARG A 1136 11.49 8.23 -18.44
C ARG A 1136 12.53 8.19 -17.31
N SER A 1137 13.51 9.08 -17.33
CA SER A 1137 14.53 9.24 -16.28
C SER A 1137 14.32 10.55 -15.51
N LEU A 1138 14.28 10.52 -14.18
CA LEU A 1138 14.09 11.73 -13.36
C LEU A 1138 15.34 12.66 -13.41
N PRO A 1139 15.20 13.98 -13.23
CA PRO A 1139 16.34 14.91 -13.25
C PRO A 1139 17.47 14.57 -12.26
N LEU A 1343 6.53 14.96 -13.84
CA LEU A 1343 7.61 14.00 -13.66
C LEU A 1343 7.13 12.54 -13.51
N GLY A 1344 5.84 12.32 -13.28
CA GLY A 1344 5.25 11.00 -13.01
C GLY A 1344 5.15 10.76 -11.49
N PRO A 1345 4.42 9.73 -11.04
CA PRO A 1345 4.22 9.46 -9.61
C PRO A 1345 5.48 8.96 -8.90
N ASN A 1346 5.54 9.26 -7.60
CA ASN A 1346 6.61 8.81 -6.74
C ASN A 1346 6.58 7.27 -6.71
N PRO A 1347 7.72 6.59 -6.87
CA PRO A 1347 7.76 5.13 -6.80
C PRO A 1347 7.10 4.58 -5.54
N GLY A 1348 7.15 5.30 -4.42
CA GLY A 1348 6.51 4.88 -3.17
C GLY A 1348 5.00 4.73 -3.32
N LEU A 1349 4.36 5.60 -4.11
CA LEU A 1349 2.91 5.49 -4.36
C LEU A 1349 2.63 4.28 -5.27
N ILE A 1350 3.51 4.01 -6.23
CA ILE A 1350 3.40 2.83 -7.10
C ILE A 1350 3.52 1.58 -6.22
N LEU A 1351 4.50 1.58 -5.30
CA LEU A 1351 4.70 0.46 -4.39
C LEU A 1351 3.42 0.26 -3.56
N GLN A 1352 2.77 1.34 -3.13
CA GLN A 1352 1.49 1.26 -2.44
C GLN A 1352 0.43 0.57 -3.31
N ALA A 1353 0.26 0.98 -4.57
CA ALA A 1353 -0.71 0.39 -5.49
C ALA A 1353 -0.44 -1.09 -5.82
N LEU A 1354 0.81 -1.52 -5.71
CA LEU A 1354 1.27 -2.90 -5.92
C LEU A 1354 1.21 -3.76 -4.65
N THR A 1355 0.87 -3.17 -3.49
CA THR A 1355 0.87 -3.87 -2.20
C THR A 1355 -0.52 -4.23 -1.69
N LEU A 1356 -0.75 -5.53 -1.50
CA LEU A 1356 -1.99 -6.06 -0.92
C LEU A 1356 -1.97 -5.94 0.60
N SER A 1357 -3.13 -5.82 1.24
CA SER A 1357 -3.25 -5.71 2.71
C SER A 1357 -2.67 -6.94 3.45
N ASN A 1358 -2.66 -8.10 2.80
CA ASN A 1358 -2.04 -9.32 3.29
C ASN A 1358 -0.54 -9.12 3.55
N ALA A 1359 0.14 -8.32 2.72
CA ALA A 1359 1.57 -8.06 2.86
C ALA A 1359 1.91 -7.36 4.19
N SER A 1360 0.94 -6.69 4.84
CA SER A 1360 1.10 -6.04 6.15
C SER A 1360 2.22 -4.97 6.21
N ASP A 1361 2.55 -4.34 5.07
CA ASP A 1361 3.65 -3.35 4.91
C ASP A 1361 3.35 -1.91 5.40
N GLY A 1362 2.37 -1.71 6.28
CA GLY A 1362 2.00 -0.38 6.81
C GLY A 1362 1.10 0.46 5.90
N PHE A 1363 1.01 0.11 4.62
CA PHE A 1363 0.13 0.71 3.63
C PHE A 1363 -0.45 -0.37 2.72
N ASN A 1364 -1.51 -0.03 1.99
CA ASN A 1364 -2.22 -0.91 1.07
C ASN A 1364 -2.84 -0.14 -0.12
N LEU A 1365 -3.25 -0.88 -1.16
CA LEU A 1365 -3.86 -0.34 -2.38
C LEU A 1365 -5.34 0.13 -2.28
N GLU A 1366 -6.04 -0.12 -1.18
CA GLU A 1366 -7.49 0.11 -1.08
C GLU A 1366 -7.95 1.56 -1.30
N ARG A 1367 -7.28 2.56 -0.74
CA ARG A 1367 -7.71 3.95 -1.00
C ARG A 1367 -7.57 4.31 -2.47
N LEU A 1368 -6.44 3.96 -3.06
CA LEU A 1368 -6.15 4.24 -4.47
C LEU A 1368 -7.09 3.46 -5.39
N GLU A 1369 -7.41 2.23 -5.04
CA GLU A 1369 -8.35 1.38 -5.78
C GLU A 1369 -9.72 2.06 -5.91
N MET A 1370 -10.30 2.54 -4.80
CA MET A 1370 -11.63 3.15 -4.80
C MET A 1370 -11.70 4.42 -5.64
N LEU A 1371 -10.66 5.26 -5.55
CA LEU A 1371 -10.55 6.47 -6.35
C LEU A 1371 -10.46 6.11 -7.84
N GLY A 1372 -9.61 5.13 -8.19
CA GLY A 1372 -9.45 4.66 -9.56
C GLY A 1372 -10.77 4.18 -10.14
N ASP A 1373 -11.48 3.32 -9.43
CA ASP A 1373 -12.79 2.81 -9.85
C ASP A 1373 -13.73 3.97 -10.25
N SER A 1374 -13.84 4.97 -9.39
CA SER A 1374 -14.74 6.08 -9.67
C SER A 1374 -14.36 6.84 -10.93
N PHE A 1375 -13.06 7.05 -11.15
CA PHE A 1375 -12.55 7.73 -12.33
C PHE A 1375 -12.68 6.88 -13.60
N LEU A 1376 -12.47 5.57 -13.46
CA LEU A 1376 -12.59 4.60 -14.53
C LEU A 1376 -13.99 4.68 -15.10
N LYS A 1377 -14.99 4.63 -14.21
CA LYS A 1377 -16.41 4.74 -14.59
C LYS A 1377 -16.59 6.03 -15.37
N HIS A 1378 -16.18 7.15 -14.78
CA HIS A 1378 -16.32 8.44 -15.43
C HIS A 1378 -15.69 8.46 -16.81
N ALA A 1379 -14.46 7.98 -16.93
CA ALA A 1379 -13.74 7.99 -18.18
C ALA A 1379 -14.44 7.14 -19.26
N ILE A 1380 -14.81 5.91 -18.92
CA ILE A 1380 -15.50 5.02 -19.86
C ILE A 1380 -16.88 5.58 -20.20
N THR A 1381 -17.62 6.07 -19.22
CA THR A 1381 -18.96 6.62 -19.40
C THR A 1381 -18.90 7.77 -20.38
N THR A 1382 -17.93 8.65 -20.19
CA THR A 1382 -17.77 9.79 -21.08
C THR A 1382 -17.47 9.32 -22.49
N TYR A 1383 -16.51 8.41 -22.60
CA TYR A 1383 -16.09 7.85 -23.88
C TYR A 1383 -17.26 7.19 -24.61
N LEU A 1384 -18.04 6.34 -23.92
CA LEU A 1384 -19.19 5.66 -24.52
C LEU A 1384 -20.25 6.65 -24.97
N PHE A 1385 -20.58 7.60 -24.10
CA PHE A 1385 -21.59 8.62 -24.41
C PHE A 1385 -21.24 9.38 -25.68
N CYS A 1386 -19.97 9.78 -25.83
CA CYS A 1386 -19.51 10.54 -26.99
C CYS A 1386 -19.33 9.67 -28.23
N THR A 1387 -18.89 8.42 -28.05
CA THR A 1387 -18.64 7.48 -29.15
C THR A 1387 -19.92 6.92 -29.75
N TYR A 1388 -20.96 6.75 -28.93
CA TYR A 1388 -22.26 6.23 -29.34
C TYR A 1388 -23.37 7.26 -29.08
N PRO A 1389 -23.52 8.29 -29.91
CA PRO A 1389 -24.53 9.36 -29.72
C PRO A 1389 -25.99 8.88 -29.84
N ASP A 1390 -26.26 7.75 -30.51
CA ASP A 1390 -27.62 7.22 -30.72
C ASP A 1390 -28.01 6.06 -29.79
N ALA A 1391 -27.07 5.53 -28.99
CA ALA A 1391 -27.34 4.43 -28.06
C ALA A 1391 -28.07 4.90 -26.80
N HIS A 1392 -29.22 4.30 -26.50
CA HIS A 1392 -30.01 4.60 -25.29
C HIS A 1392 -29.26 4.21 -24.01
N GLU A 1393 -29.70 4.77 -22.87
CA GLU A 1393 -29.08 4.57 -21.55
C GLU A 1393 -28.83 3.10 -21.20
N GLY A 1394 -29.85 2.25 -21.29
CA GLY A 1394 -29.68 0.83 -20.97
C GLY A 1394 -28.57 0.13 -21.75
N ARG A 1395 -28.33 0.52 -23.02
CA ARG A 1395 -27.26 -0.05 -23.85
C ARG A 1395 -25.90 0.48 -23.38
N LEU A 1396 -25.79 1.79 -23.15
CA LEU A 1396 -24.56 2.38 -22.65
C LEU A 1396 -24.20 1.78 -21.28
N SER A 1397 -25.19 1.63 -20.40
CA SER A 1397 -25.04 0.99 -19.08
C SER A 1397 -24.58 -0.44 -19.22
N TYR A 1398 -25.11 -1.18 -20.20
CA TYR A 1398 -24.70 -2.57 -20.44
C TYR A 1398 -23.25 -2.62 -20.92
N MET A 1399 -22.87 -1.79 -21.91
CA MET A 1399 -21.50 -1.75 -22.44
C MET A 1399 -20.52 -1.38 -21.32
N ARG A 1400 -20.88 -0.34 -20.54
CA ARG A 1400 -20.13 0.14 -19.36
C ARG A 1400 -19.86 -1.03 -18.41
N SER A 1401 -20.92 -1.75 -18.03
CA SER A 1401 -20.83 -2.89 -17.10
C SER A 1401 -19.81 -3.94 -17.56
N LYS A 1402 -19.67 -4.17 -18.89
CA LYS A 1402 -18.70 -5.14 -19.42
C LYS A 1402 -17.28 -4.60 -19.38
N LYS A 1403 -17.05 -3.35 -19.78
CA LYS A 1403 -15.69 -2.77 -19.79
C LYS A 1403 -15.08 -2.61 -18.39
N VAL A 1404 -15.88 -2.21 -17.38
CA VAL A 1404 -15.42 -2.02 -15.98
C VAL A 1404 -15.41 -3.31 -15.13
N SER A 1405 -15.72 -4.45 -15.72
CA SER A 1405 -15.79 -5.73 -15.00
C SER A 1405 -14.45 -6.19 -14.42
N ASN A 1406 -14.51 -6.87 -13.27
CA ASN A 1406 -13.31 -7.42 -12.64
C ASN A 1406 -12.58 -8.40 -13.58
N CYS A 1407 -13.31 -9.10 -14.46
CA CYS A 1407 -12.75 -10.00 -15.48
C CYS A 1407 -11.88 -9.26 -16.51
N ASN A 1408 -12.41 -8.18 -17.09
CA ASN A 1408 -11.67 -7.40 -18.09
C ASN A 1408 -10.43 -6.76 -17.46
N LEU A 1409 -10.58 -6.15 -16.27
CA LEU A 1409 -9.48 -5.53 -15.53
C LEU A 1409 -8.39 -6.53 -15.15
N TYR A 1410 -8.76 -7.75 -14.78
CA TYR A 1410 -7.81 -8.82 -14.54
C TYR A 1410 -6.98 -9.11 -15.80
N ARG A 1411 -7.65 -9.25 -16.95
CA ARG A 1411 -6.98 -9.51 -18.24
C ARG A 1411 -6.00 -8.39 -18.56
N LEU A 1412 -6.39 -7.13 -18.37
CA LEU A 1412 -5.51 -5.99 -18.61
C LEU A 1412 -4.30 -6.00 -17.64
N GLY A 1413 -4.50 -6.26 -16.35
CA GLY A 1413 -3.41 -6.31 -15.38
C GLY A 1413 -2.42 -7.45 -15.65
N LYS A 1414 -2.96 -8.63 -16.00
CA LYS A 1414 -2.17 -9.80 -16.40
C LYS A 1414 -1.35 -9.48 -17.66
N LYS A 1415 -2.00 -8.86 -18.65
CA LYS A 1415 -1.34 -8.45 -19.89
C LYS A 1415 -0.21 -7.46 -19.61
N LYS A 1416 -0.37 -6.58 -18.62
CA LYS A 1416 0.66 -5.60 -18.22
C LYS A 1416 1.78 -6.19 -17.33
N GLY A 1417 1.68 -7.47 -16.96
CA GLY A 1417 2.66 -8.16 -16.11
C GLY A 1417 2.66 -7.71 -14.64
N LEU A 1418 1.53 -7.18 -14.17
CA LEU A 1418 1.37 -6.76 -12.78
C LEU A 1418 1.47 -7.90 -11.77
N PRO A 1419 0.97 -9.14 -12.01
CA PRO A 1419 1.00 -10.20 -10.99
C PRO A 1419 2.40 -10.51 -10.45
N SER A 1420 3.40 -10.57 -11.33
CA SER A 1420 4.80 -10.83 -10.92
C SER A 1420 5.39 -9.67 -10.11
N ARG A 1421 4.81 -8.47 -10.22
CA ARG A 1421 5.25 -7.25 -9.53
C ARG A 1421 4.45 -6.95 -8.25
N MET A 1422 3.33 -7.61 -8.00
CA MET A 1422 2.57 -7.33 -6.78
C MET A 1422 3.25 -7.84 -5.51
N VAL A 1423 3.06 -7.16 -4.38
CA VAL A 1423 3.60 -7.59 -3.10
C VAL A 1423 2.40 -8.18 -2.40
N VAL A 1424 2.46 -9.49 -2.25
CA VAL A 1424 1.35 -10.30 -1.77
C VAL A 1424 1.51 -10.79 -0.35
N SER A 1425 2.67 -11.31 0.03
CA SER A 1425 2.89 -11.92 1.35
C SER A 1425 3.86 -11.20 2.25
N ILE A 1426 3.74 -11.49 3.55
CA ILE A 1426 4.57 -10.94 4.62
C ILE A 1426 6.03 -11.34 4.39
N PHE A 1427 6.94 -10.37 4.30
CA PHE A 1427 8.37 -10.61 4.08
C PHE A 1427 9.01 -11.39 5.24
N ASP A 1428 9.69 -12.50 4.93
CA ASP A 1428 10.36 -13.38 5.89
C ASP A 1428 11.62 -13.97 5.20
N PRO A 1429 12.78 -13.31 5.37
CA PRO A 1429 14.00 -13.68 4.66
C PRO A 1429 14.35 -15.17 4.58
N PRO A 1430 14.35 -15.94 5.67
CA PRO A 1430 14.73 -17.36 5.63
C PRO A 1430 13.66 -18.27 5.03
N VAL A 1431 12.46 -17.74 4.78
CA VAL A 1431 11.32 -18.53 4.31
C VAL A 1431 10.79 -18.14 2.94
N ASN A 1432 10.87 -16.87 2.58
CA ASN A 1432 10.34 -16.44 1.29
C ASN A 1432 11.23 -15.48 0.49
N TRP A 1433 12.51 -15.31 0.83
CA TRP A 1433 13.42 -14.42 0.08
C TRP A 1433 14.70 -15.11 -0.40
N LEU A 1434 15.06 -14.90 -1.68
CA LEU A 1434 16.27 -15.43 -2.29
C LEU A 1434 17.40 -14.38 -2.25
N PRO A 1435 18.49 -14.59 -1.49
CA PRO A 1435 19.58 -13.62 -1.43
C PRO A 1435 20.32 -13.47 -2.76
N PRO A 1436 21.00 -12.35 -3.00
CA PRO A 1436 21.72 -12.13 -4.24
C PRO A 1436 22.81 -13.17 -4.44
N GLY A 1437 22.95 -13.68 -5.64
CA GLY A 1437 23.94 -14.71 -5.97
C GLY A 1437 23.53 -16.12 -5.62
N TYR A 1438 22.35 -16.33 -5.04
CA TYR A 1438 21.84 -17.66 -4.72
C TYR A 1438 20.81 -18.16 -5.76
N VAL A 1439 20.68 -19.47 -5.87
CA VAL A 1439 19.70 -20.20 -6.69
C VAL A 1439 19.00 -21.24 -5.82
N VAL A 1440 17.79 -21.65 -6.20
CA VAL A 1440 17.01 -22.66 -5.49
C VAL A 1440 17.29 -24.06 -6.08
N ASN A 1441 17.66 -25.03 -5.24
CA ASN A 1441 17.92 -26.42 -5.64
C ASN A 1441 16.59 -27.12 -6.02
N GLN A 1442 16.33 -27.25 -7.32
CA GLN A 1442 15.10 -27.87 -7.84
C GLN A 1442 15.20 -29.40 -7.88
N ASP A 1596 7.26 -22.86 -4.83
CA ASP A 1596 8.41 -22.37 -4.08
C ASP A 1596 8.20 -20.95 -3.53
N LEU A 1597 8.20 -20.81 -2.20
CA LEU A 1597 8.00 -19.53 -1.53
C LEU A 1597 9.12 -18.51 -1.85
N HIS A 1598 10.27 -18.94 -2.35
CA HIS A 1598 11.32 -18.00 -2.71
C HIS A 1598 11.06 -17.38 -4.09
N THR A 1599 10.79 -18.18 -5.12
CA THR A 1599 10.62 -17.67 -6.51
C THR A 1599 9.19 -17.44 -7.00
N GLU A 1600 8.16 -18.02 -6.39
CA GLU A 1600 6.76 -17.89 -6.85
C GLU A 1600 5.78 -17.35 -5.81
N GLN A 1601 4.62 -16.85 -6.27
CA GLN A 1601 3.54 -16.36 -5.43
C GLN A 1601 2.15 -16.67 -6.02
N CYS A 1602 1.17 -17.00 -5.17
CA CYS A 1602 -0.20 -17.33 -5.57
C CYS A 1602 -1.13 -16.11 -5.40
N ILE A 1603 -1.79 -15.69 -6.48
CA ILE A 1603 -2.66 -14.51 -6.52
C ILE A 1603 -4.06 -14.80 -7.07
N ALA A 1604 -5.08 -14.18 -6.47
CA ALA A 1604 -6.48 -14.25 -6.92
C ALA A 1604 -6.68 -13.30 -8.12
N ASP A 1605 -7.47 -13.69 -9.12
CA ASP A 1605 -7.70 -12.85 -10.31
C ASP A 1605 -8.26 -11.45 -9.96
N LYS A 1606 -9.17 -11.40 -8.99
CA LYS A 1606 -9.78 -10.16 -8.47
C LYS A 1606 -8.71 -9.19 -7.95
N SER A 1607 -7.71 -9.69 -7.25
CA SER A 1607 -6.65 -8.82 -6.74
C SER A 1607 -5.87 -8.15 -7.88
N ILE A 1608 -5.74 -8.80 -9.04
CA ILE A 1608 -5.06 -8.22 -10.20
C ILE A 1608 -5.92 -7.08 -10.76
N ALA A 1609 -7.23 -7.28 -10.79
CA ALA A 1609 -8.16 -6.24 -11.21
C ALA A 1609 -8.09 -5.04 -10.23
N ASP A 1610 -8.12 -5.29 -8.91
CA ASP A 1610 -8.06 -4.23 -7.89
C ASP A 1610 -6.77 -3.39 -7.99
N CYS A 1611 -5.65 -4.04 -8.35
CA CYS A 1611 -4.38 -3.37 -8.55
C CYS A 1611 -4.42 -2.39 -9.73
N VAL A 1612 -5.11 -2.73 -10.84
CA VAL A 1612 -5.22 -1.84 -11.99
C VAL A 1612 -5.91 -0.53 -11.57
N GLU A 1613 -6.99 -0.63 -10.79
CA GLU A 1613 -7.71 0.53 -10.28
C GLU A 1613 -6.82 1.33 -9.33
N ALA A 1614 -6.04 0.67 -8.47
CA ALA A 1614 -5.14 1.40 -7.59
C ALA A 1614 -4.07 2.16 -8.39
N LEU A 1615 -3.51 1.55 -9.44
CA LEU A 1615 -2.53 2.24 -10.30
C LEU A 1615 -3.17 3.45 -10.96
N LEU A 1616 -4.41 3.31 -11.42
CA LEU A 1616 -5.14 4.43 -11.99
C LEU A 1616 -5.25 5.55 -10.96
N GLY A 1617 -5.61 5.22 -9.72
CA GLY A 1617 -5.72 6.18 -8.62
C GLY A 1617 -4.39 6.88 -8.36
N CYS A 1618 -3.29 6.14 -8.44
CA CYS A 1618 -1.95 6.68 -8.26
C CYS A 1618 -1.66 7.74 -9.34
N TYR A 1619 -1.85 7.38 -10.60
CA TYR A 1619 -1.61 8.31 -11.71
C TYR A 1619 -2.54 9.52 -11.63
N LEU A 1620 -3.79 9.32 -11.24
CA LEU A 1620 -4.76 10.40 -11.07
C LEU A 1620 -4.36 11.38 -9.96
N THR A 1621 -4.02 10.86 -8.80
CA THR A 1621 -3.65 11.68 -7.64
C THR A 1621 -2.36 12.46 -7.88
N SER A 1622 -1.40 11.85 -8.57
CA SER A 1622 -0.06 12.42 -8.81
C SER A 1622 0.13 13.26 -10.08
N CYS A 1623 -0.55 12.89 -11.17
CA CYS A 1623 -0.38 13.50 -12.50
C CYS A 1623 -1.67 14.04 -13.11
N GLY A 1624 -2.81 13.88 -12.44
CA GLY A 1624 -4.08 14.38 -12.92
C GLY A 1624 -4.84 13.45 -13.87
N GLU A 1625 -6.00 13.93 -14.26
CA GLU A 1625 -7.02 13.24 -15.05
C GLU A 1625 -6.56 12.90 -16.47
N ARG A 1626 -5.94 13.83 -17.18
CA ARG A 1626 -5.46 13.59 -18.54
C ARG A 1626 -4.41 12.50 -18.50
N ALA A 1627 -3.51 12.55 -17.53
CA ALA A 1627 -2.47 11.56 -17.37
C ALA A 1627 -3.09 10.18 -17.06
N ALA A 1628 -4.10 10.15 -16.17
CA ALA A 1628 -4.79 8.92 -15.85
C ALA A 1628 -5.48 8.35 -17.10
N GLN A 1629 -6.06 9.19 -17.95
CA GLN A 1629 -6.71 8.74 -19.21
C GLN A 1629 -5.66 8.17 -20.17
N LEU A 1630 -4.51 8.82 -20.31
CA LEU A 1630 -3.42 8.32 -21.13
C LEU A 1630 -2.94 6.98 -20.57
N PHE A 1631 -2.90 6.85 -19.25
CA PHE A 1631 -2.57 5.59 -18.60
C PHE A 1631 -3.58 4.50 -18.97
N LEU A 1632 -4.89 4.77 -18.93
CA LEU A 1632 -5.93 3.81 -19.36
C LEU A 1632 -5.71 3.40 -20.82
N CYS A 1633 -5.46 4.37 -21.70
CA CYS A 1633 -5.18 4.11 -23.11
C CYS A 1633 -3.96 3.21 -23.26
N SER A 1634 -2.92 3.41 -22.43
CA SER A 1634 -1.73 2.57 -22.45
C SER A 1634 -2.00 1.12 -21.98
N LEU A 1635 -3.01 0.89 -21.14
CA LEU A 1635 -3.41 -0.45 -20.68
C LEU A 1635 -4.22 -1.19 -21.77
N GLY A 1636 -4.77 -0.45 -22.73
CA GLY A 1636 -5.60 -0.95 -23.85
C GLY A 1636 -7.08 -0.56 -23.75
N LEU A 1637 -7.46 0.25 -22.76
CA LEU A 1637 -8.84 0.75 -22.63
C LEU A 1637 -8.99 2.05 -23.41
N LYS A 1638 -9.77 2.01 -24.49
CA LYS A 1638 -10.05 3.20 -25.31
C LYS A 1638 -10.96 4.16 -24.55
N VAL A 1639 -10.40 5.25 -24.02
CA VAL A 1639 -11.12 6.31 -23.28
C VAL A 1639 -10.95 7.69 -23.93
N LEU A 1640 -10.20 7.79 -25.04
CA LEU A 1640 -9.90 9.01 -25.79
C LEU A 1640 -10.04 8.79 -27.31
N ALA A 1702 -36.69 24.79 -34.96
CA ALA A 1702 -36.25 24.16 -33.71
C ALA A 1702 -36.01 25.19 -32.59
N GLU A 1703 -35.33 26.29 -32.92
CA GLU A 1703 -34.96 27.33 -31.95
C GLU A 1703 -36.19 28.02 -31.33
N LYS A 1704 -37.25 28.25 -32.09
CA LYS A 1704 -38.48 28.84 -31.55
C LYS A 1704 -39.10 27.88 -30.54
N THR A 1705 -39.16 26.60 -30.88
CA THR A 1705 -39.69 25.57 -29.99
C THR A 1705 -38.86 25.54 -28.71
N LEU A 1706 -37.54 25.63 -28.83
CA LEU A 1706 -36.63 25.64 -27.69
C LEU A 1706 -36.96 26.81 -26.76
N ASN A 1707 -37.03 28.03 -27.30
CA ASN A 1707 -37.34 29.22 -26.51
C ASN A 1707 -38.72 29.08 -25.83
N HIS A 1708 -39.70 28.49 -26.51
CA HIS A 1708 -41.02 28.28 -25.93
C HIS A 1708 -40.96 27.28 -24.78
N LEU A 1709 -40.35 26.12 -25.00
CA LEU A 1709 -40.28 25.05 -23.99
C LEU A 1709 -39.40 25.45 -22.80
N ILE A 1710 -38.39 26.31 -22.96
CA ILE A 1710 -37.52 26.79 -21.87
C ILE A 1710 -38.06 28.04 -21.17
N SER A 1711 -39.27 28.52 -21.49
CA SER A 1711 -39.84 29.71 -20.85
C SER A 1711 -39.85 29.61 -19.31
N GLY A 1712 -39.23 30.57 -18.63
CA GLY A 1712 -39.13 30.68 -17.16
C GLY A 1712 -37.87 30.06 -16.55
N PHE A 1713 -37.09 29.29 -17.31
CA PHE A 1713 -35.88 28.65 -16.82
C PHE A 1713 -34.82 29.66 -16.39
N GLU A 1714 -34.92 30.93 -16.76
CA GLU A 1714 -33.97 31.97 -16.34
C GLU A 1714 -33.90 32.06 -14.80
N THR A 1715 -35.02 31.80 -14.12
CA THR A 1715 -35.05 31.80 -12.66
C THR A 1715 -34.27 30.60 -12.14
N PHE A 1716 -34.34 29.47 -12.84
CA PHE A 1716 -33.61 28.26 -12.48
C PHE A 1716 -32.11 28.52 -12.66
N GLU A 1717 -31.71 29.05 -13.83
CA GLU A 1717 -30.31 29.39 -14.14
C GLU A 1717 -29.72 30.27 -13.06
N LYS A 1718 -30.47 31.27 -12.59
CA LYS A 1718 -30.05 32.14 -11.48
C LYS A 1718 -29.98 31.38 -10.15
N LYS A 1719 -30.93 30.48 -9.86
CA LYS A 1719 -30.94 29.72 -8.60
C LYS A 1719 -29.73 28.79 -8.51
N ILE A 1720 -29.37 28.13 -9.60
CA ILE A 1720 -28.19 27.25 -9.65
C ILE A 1720 -26.90 28.07 -9.89
N ASN A 1721 -27.04 29.37 -10.11
CA ASN A 1721 -25.97 30.30 -10.40
C ASN A 1721 -25.18 29.90 -11.67
N TYR A 1722 -25.85 29.37 -12.69
CA TYR A 1722 -25.26 28.94 -13.96
C TYR A 1722 -26.14 29.31 -15.16
N ARG A 1723 -25.54 29.84 -16.24
CA ARG A 1723 -26.26 30.23 -17.46
C ARG A 1723 -25.81 29.34 -18.61
N PHE A 1724 -26.74 28.61 -19.20
CA PHE A 1724 -26.43 27.73 -20.32
C PHE A 1724 -26.12 28.45 -21.63
N LYS A 1725 -25.03 28.04 -22.29
CA LYS A 1725 -24.67 28.55 -23.62
C LYS A 1725 -25.64 27.97 -24.67
N ASN A 1726 -25.97 26.69 -24.53
CA ASN A 1726 -26.91 25.96 -25.36
C ASN A 1726 -28.05 25.42 -24.48
N LYS A 1727 -29.18 26.12 -24.49
CA LYS A 1727 -30.35 25.76 -23.68
C LYS A 1727 -30.97 24.41 -24.05
N ALA A 1728 -30.60 23.79 -25.18
CA ALA A 1728 -31.12 22.47 -25.55
C ALA A 1728 -30.71 21.44 -24.49
N TYR A 1729 -29.49 21.54 -23.95
CA TYR A 1729 -29.03 20.64 -22.89
C TYR A 1729 -29.90 20.79 -21.64
N LEU A 1730 -30.27 22.03 -21.28
CA LEU A 1730 -31.13 22.30 -20.14
C LEU A 1730 -32.54 21.72 -20.40
N LEU A 1731 -33.08 21.90 -21.60
CA LEU A 1731 -34.38 21.33 -21.96
C LEU A 1731 -34.35 19.80 -21.88
N GLN A 1732 -33.32 19.18 -22.47
CA GLN A 1732 -33.15 17.75 -22.47
C GLN A 1732 -33.11 17.21 -21.04
N ALA A 1733 -32.36 17.86 -20.15
CA ALA A 1733 -32.22 17.47 -18.75
C ALA A 1733 -33.56 17.43 -18.00
N PHE A 1734 -34.50 18.32 -18.34
CA PHE A 1734 -35.83 18.41 -17.73
C PHE A 1734 -36.95 17.72 -18.52
N THR A 1735 -36.65 17.05 -19.62
CA THR A 1735 -37.64 16.36 -20.47
C THR A 1735 -37.77 14.86 -20.15
N HIS A 1736 -38.94 14.45 -19.64
CA HIS A 1736 -39.25 13.05 -19.40
C HIS A 1736 -39.65 12.35 -20.72
N ALA A 1737 -39.47 11.04 -20.85
CA ALA A 1737 -39.83 10.28 -22.06
C ALA A 1737 -41.33 10.44 -22.46
N SER A 1738 -42.22 10.63 -21.47
CA SER A 1738 -43.65 10.88 -21.68
C SER A 1738 -43.95 12.23 -22.35
N TYR A 1739 -43.01 13.19 -22.30
CA TYR A 1739 -43.17 14.56 -22.80
C TYR A 1739 -42.91 14.68 -24.31
N HIS A 1740 -43.81 14.05 -25.06
CA HIS A 1740 -43.82 13.99 -26.52
C HIS A 1740 -43.95 15.35 -27.21
N TYR A 1741 -44.23 16.43 -26.47
CA TYR A 1741 -44.29 17.76 -27.05
C TYR A 1741 -42.87 18.20 -27.44
N ASN A 1742 -41.84 17.63 -26.78
CA ASN A 1742 -40.46 17.90 -27.12
C ASN A 1742 -40.04 16.98 -28.26
N THR A 1743 -39.86 17.58 -29.43
CA THR A 1743 -39.43 16.95 -30.68
C THR A 1743 -38.05 17.46 -31.13
N ILE A 1744 -37.39 18.31 -30.32
CA ILE A 1744 -36.12 18.96 -30.65
C ILE A 1744 -34.92 18.41 -29.86
N THR A 1745 -35.12 17.76 -28.71
CA THR A 1745 -34.06 17.09 -27.94
C THR A 1745 -34.55 15.75 -27.45
N ASP A 1746 -33.63 14.90 -27.05
CA ASP A 1746 -33.98 13.63 -26.44
C ASP A 1746 -34.53 13.88 -25.01
N CYS A 1747 -34.90 12.80 -24.35
CA CYS A 1747 -35.26 12.80 -22.96
C CYS A 1747 -33.99 12.92 -22.10
N TYR A 1748 -34.15 13.06 -20.81
CA TYR A 1748 -33.04 13.19 -19.87
C TYR A 1748 -32.14 11.96 -19.65
N GLN A 1749 -32.58 10.74 -19.99
CA GLN A 1749 -31.86 9.50 -19.62
C GLN A 1749 -30.39 9.42 -20.07
N ARG A 1750 -30.04 9.90 -21.26
CA ARG A 1750 -28.63 9.87 -21.70
C ARG A 1750 -27.76 10.77 -20.83
N LEU A 1751 -28.27 11.94 -20.48
CA LEU A 1751 -27.52 12.85 -19.63
C LEU A 1751 -27.50 12.31 -18.20
N GLU A 1752 -28.55 11.61 -17.77
CA GLU A 1752 -28.58 10.94 -16.47
C GLU A 1752 -27.40 9.96 -16.41
N PHE A 1753 -27.24 9.10 -17.43
CA PHE A 1753 -26.13 8.14 -17.54
C PHE A 1753 -24.77 8.83 -17.41
N LEU A 1754 -24.58 9.93 -18.13
CA LEU A 1754 -23.31 10.67 -18.10
C LEU A 1754 -23.08 11.33 -16.74
N GLY A 1755 -24.12 11.94 -16.18
CA GLY A 1755 -24.10 12.63 -14.90
C GLY A 1755 -23.85 11.73 -13.70
N ASP A 1756 -24.41 10.53 -13.69
CA ASP A 1756 -24.25 9.53 -12.65
C ASP A 1756 -22.75 9.28 -12.37
N ALA A 1757 -21.99 8.95 -13.41
CA ALA A 1757 -20.56 8.67 -13.28
C ALA A 1757 -19.74 9.91 -12.87
N ILE A 1758 -20.16 11.09 -13.34
CA ILE A 1758 -19.51 12.36 -13.02
C ILE A 1758 -19.67 12.66 -11.53
N LEU A 1759 -20.91 12.55 -11.02
CA LEU A 1759 -21.19 12.79 -9.61
C LEU A 1759 -20.47 11.76 -8.74
N ASP A 1760 -20.52 10.47 -9.08
CA ASP A 1760 -19.78 9.44 -8.33
C ASP A 1760 -18.29 9.80 -8.24
N TYR A 1761 -17.69 10.17 -9.37
CA TYR A 1761 -16.30 10.52 -9.39
C TYR A 1761 -16.00 11.76 -8.57
N LEU A 1762 -16.72 12.85 -8.81
CA LEU A 1762 -16.48 14.11 -8.14
C LEU A 1762 -16.62 13.94 -6.63
N ILE A 1763 -17.68 13.25 -6.20
CA ILE A 1763 -17.91 13.00 -4.79
C ILE A 1763 -16.77 12.14 -4.25
N THR A 1764 -16.41 11.06 -4.93
CA THR A 1764 -15.32 10.18 -4.47
C THR A 1764 -13.99 10.93 -4.38
N LYS A 1765 -13.66 11.76 -5.38
CA LYS A 1765 -12.44 12.55 -5.40
C LYS A 1765 -12.42 13.45 -4.19
N HIS A 1766 -13.53 14.14 -3.95
CA HIS A 1766 -13.65 15.05 -2.82
C HIS A 1766 -13.48 14.32 -1.49
N LEU A 1767 -14.15 13.18 -1.34
CA LEU A 1767 -14.04 12.38 -0.12
C LEU A 1767 -12.61 11.86 0.06
N TYR A 1768 -11.93 11.48 -1.01
CA TYR A 1768 -10.56 11.00 -0.95
C TYR A 1768 -9.62 12.13 -0.53
N GLU A 1769 -9.78 13.31 -1.10
CA GLU A 1769 -8.99 14.47 -0.77
C GLU A 1769 -9.40 15.10 0.58
N ASP A 1770 -10.45 14.60 1.25
CA ASP A 1770 -10.91 15.16 2.51
C ASP A 1770 -9.81 15.21 3.58
N PRO A 1771 -9.58 16.37 4.24
CA PRO A 1771 -8.56 16.55 5.27
C PRO A 1771 -8.64 15.56 6.44
N ARG A 1772 -9.81 14.98 6.69
CA ARG A 1772 -10.04 13.97 7.73
C ARG A 1772 -9.38 12.64 7.38
N GLN A 1773 -8.94 12.45 6.13
CA GLN A 1773 -8.24 11.26 5.63
C GLN A 1773 -8.97 9.96 6.01
N HIS A 1774 -10.24 9.88 5.64
CA HIS A 1774 -11.10 8.73 5.92
C HIS A 1774 -10.50 7.39 5.47
N SER A 1775 -10.69 6.36 6.30
CA SER A 1775 -10.25 4.99 6.03
C SER A 1775 -10.99 4.38 4.83
N PRO A 1776 -10.46 3.34 4.16
CA PRO A 1776 -11.14 2.66 3.05
C PRO A 1776 -12.58 2.25 3.37
N GLY A 1777 -12.82 1.70 4.58
CA GLY A 1777 -14.17 1.32 5.00
C GLY A 1777 -15.10 2.53 5.09
N VAL A 1778 -14.68 3.60 5.78
CA VAL A 1778 -15.48 4.83 5.90
C VAL A 1778 -15.71 5.48 4.52
N LEU A 1779 -14.70 5.51 3.64
CA LEU A 1779 -14.85 6.05 2.27
C LEU A 1779 -15.96 5.28 1.55
N THR A 1780 -16.01 3.95 1.70
CA THR A 1780 -17.05 3.10 1.10
C THR A 1780 -18.43 3.49 1.62
N ASP A 1781 -18.59 3.66 2.93
CA ASP A 1781 -19.86 4.05 3.54
C ASP A 1781 -20.32 5.43 3.03
N LEU A 1782 -19.45 6.43 3.10
CA LEU A 1782 -19.75 7.80 2.64
C LEU A 1782 -20.07 7.82 1.14
N ARG A 1783 -19.31 7.09 0.32
CA ARG A 1783 -19.59 6.98 -1.12
C ARG A 1783 -20.98 6.39 -1.33
N SER A 1784 -21.29 5.32 -0.62
CA SER A 1784 -22.60 4.65 -0.71
C SER A 1784 -23.75 5.55 -0.27
N ALA A 1785 -23.56 6.33 0.79
CA ALA A 1785 -24.57 7.23 1.33
C ALA A 1785 -24.78 8.49 0.47
N LEU A 1786 -23.72 9.10 -0.07
CA LEU A 1786 -23.80 10.32 -0.88
C LEU A 1786 -24.19 10.05 -2.33
N VAL A 1787 -23.64 9.01 -2.95
CA VAL A 1787 -23.95 8.64 -4.35
C VAL A 1787 -25.23 7.80 -4.33
N ASN A 1788 -26.37 8.46 -4.12
CA ASN A 1788 -27.67 7.80 -4.00
C ASN A 1788 -28.83 8.61 -4.59
N ASN A 1789 -29.69 7.95 -5.36
CA ASN A 1789 -30.83 8.57 -6.04
C ASN A 1789 -31.79 9.31 -5.09
N THR A 1790 -32.00 8.81 -3.86
CA THR A 1790 -32.86 9.42 -2.83
C THR A 1790 -32.33 10.81 -2.47
N ILE A 1791 -31.01 10.90 -2.23
CA ILE A 1791 -30.33 12.15 -1.93
C ILE A 1791 -30.42 13.09 -3.12
N PHE A 1792 -30.16 12.59 -4.33
CA PHE A 1792 -30.26 13.40 -5.54
C PHE A 1792 -31.67 13.96 -5.73
N ALA A 1793 -32.71 13.17 -5.44
CA ALA A 1793 -34.10 13.60 -5.49
C ALA A 1793 -34.36 14.68 -4.43
N SER A 1794 -33.86 14.48 -3.20
CA SER A 1794 -34.08 15.44 -2.12
C SER A 1794 -33.50 16.82 -2.47
N LEU A 1795 -32.30 16.82 -3.08
CA LEU A 1795 -31.63 18.03 -3.55
C LEU A 1795 -32.39 18.65 -4.70
N ALA A 1796 -32.85 17.84 -5.65
CA ALA A 1796 -33.61 18.34 -6.78
C ALA A 1796 -34.82 19.16 -6.30
N VAL A 1797 -35.54 18.65 -5.29
CA VAL A 1797 -36.68 19.35 -4.68
C VAL A 1797 -36.24 20.64 -4.01
N LYS A 1798 -35.20 20.58 -3.17
CA LYS A 1798 -34.70 21.77 -2.47
C LYS A 1798 -34.27 22.89 -3.43
N TYR A 1799 -33.73 22.51 -4.59
CA TYR A 1799 -33.28 23.46 -5.63
C TYR A 1799 -34.31 23.69 -6.74
N ASP A 1800 -35.58 23.41 -6.45
CA ASP A 1800 -36.72 23.65 -7.32
C ASP A 1800 -36.76 22.90 -8.67
N TYR A 1801 -35.95 21.86 -8.89
CA TYR A 1801 -35.93 21.13 -10.18
C TYR A 1801 -37.33 20.66 -10.61
N HIS A 1802 -38.11 20.18 -9.64
CA HIS A 1802 -39.48 19.73 -9.87
C HIS A 1802 -40.36 20.79 -10.56
N LYS A 1803 -40.11 22.08 -10.35
CA LYS A 1803 -40.90 23.16 -10.94
C LYS A 1803 -40.64 23.31 -12.44
N TYR A 1804 -39.49 22.83 -12.88
CA TYR A 1804 -39.05 22.90 -14.27
C TYR A 1804 -39.20 21.58 -15.02
N PHE A 1805 -39.52 20.51 -14.31
CA PHE A 1805 -39.72 19.20 -14.89
C PHE A 1805 -40.89 19.12 -15.89
N LYS A 1806 -40.60 18.70 -17.14
CA LYS A 1806 -41.57 18.54 -18.22
C LYS A 1806 -41.95 17.07 -18.40
N ALA A 1807 -43.15 16.67 -17.99
CA ALA A 1807 -43.68 15.32 -18.10
C ALA A 1807 -45.17 15.32 -18.50
N VAL A 1808 -45.68 14.20 -19.01
CA VAL A 1808 -47.10 14.01 -19.37
C VAL A 1808 -47.55 12.69 -18.74
N SER A 1809 -47.51 12.65 -17.42
CA SER A 1809 -47.95 11.54 -16.60
C SER A 1809 -48.52 12.13 -15.32
N PRO A 1810 -49.86 12.24 -15.20
CA PRO A 1810 -50.48 12.82 -14.02
C PRO A 1810 -50.09 12.11 -12.74
N GLU A 1811 -49.95 10.79 -12.81
CA GLU A 1811 -49.54 9.96 -11.69
C GLU A 1811 -48.14 10.40 -11.24
N LEU A 1812 -47.22 10.61 -12.18
CA LEU A 1812 -45.88 11.06 -11.84
C LEU A 1812 -45.96 12.44 -11.18
N PHE A 1813 -46.83 13.32 -11.65
CA PHE A 1813 -46.96 14.62 -11.01
C PHE A 1813 -47.47 14.49 -9.57
N HIS A 1814 -48.45 13.63 -9.31
CA HIS A 1814 -48.97 13.40 -7.97
C HIS A 1814 -47.86 12.83 -7.07
N VAL A 1815 -47.08 11.84 -7.54
CA VAL A 1815 -45.99 11.26 -6.74
C VAL A 1815 -44.97 12.34 -6.40
N ILE A 1816 -44.64 13.20 -7.37
CA ILE A 1816 -43.71 14.30 -7.15
C ILE A 1816 -44.31 15.30 -6.17
N ASP A 1817 -45.57 15.68 -6.28
CA ASP A 1817 -46.20 16.63 -5.37
C ASP A 1817 -46.24 16.09 -3.92
N ASP A 1818 -46.58 14.81 -3.77
CA ASP A 1818 -46.58 14.14 -2.46
C ASP A 1818 -45.16 14.14 -1.87
N PHE A 1819 -44.15 13.80 -2.67
CA PHE A 1819 -42.76 13.80 -2.20
C PHE A 1819 -42.29 15.22 -1.87
N VAL A 1820 -42.62 16.19 -2.72
CA VAL A 1820 -42.27 17.60 -2.50
C VAL A 1820 -42.92 18.04 -1.19
N LYS A 1821 -44.20 17.72 -0.95
CA LYS A 1821 -44.89 18.04 0.30
C LYS A 1821 -44.16 17.43 1.50
N PHE A 1822 -43.80 16.15 1.42
CA PHE A 1822 -43.09 15.46 2.48
C PHE A 1822 -41.73 16.13 2.78
N GLN A 1823 -40.99 16.49 1.73
CA GLN A 1823 -39.70 17.18 1.87
C GLN A 1823 -39.85 18.57 2.46
N LEU A 1824 -40.90 19.32 2.08
CA LEU A 1824 -41.18 20.65 2.62
C LEU A 1824 -41.66 20.57 4.09
N GLU A 1825 -42.39 19.53 4.48
CA GLU A 1825 -42.84 19.35 5.86
C GLU A 1825 -41.67 19.07 6.82
N LYS A 1826 -40.73 18.21 6.44
CA LYS A 1826 -39.56 17.87 7.27
C LYS A 1826 -38.52 18.99 7.18
N ILE A 1849 -44.00 6.50 1.78
CA ILE A 1849 -44.00 7.55 0.76
C ILE A 1849 -42.95 7.21 -0.32
N GLU A 1850 -43.39 6.93 -1.54
CA GLU A 1850 -42.50 6.59 -2.66
C GLU A 1850 -41.66 7.79 -3.14
N VAL A 1851 -40.35 7.58 -3.29
CA VAL A 1851 -39.45 8.61 -3.83
C VAL A 1851 -39.54 8.54 -5.36
N PRO A 1852 -39.91 9.61 -6.08
CA PRO A 1852 -40.01 9.59 -7.54
C PRO A 1852 -38.62 9.46 -8.15
N LYS A 1853 -38.32 8.33 -8.81
CA LYS A 1853 -36.99 8.07 -9.42
C LYS A 1853 -36.51 9.23 -10.30
N ALA A 1854 -37.42 9.77 -11.10
CA ALA A 1854 -37.16 10.87 -12.01
C ALA A 1854 -36.51 12.11 -11.38
N MET A 1855 -36.79 12.43 -10.11
CA MET A 1855 -36.22 13.61 -9.44
C MET A 1855 -34.70 13.44 -9.20
N GLY A 1856 -34.25 12.22 -8.92
CA GLY A 1856 -32.82 11.95 -8.79
C GLY A 1856 -32.19 11.85 -10.19
N ASP A 1857 -32.90 11.27 -11.15
CA ASP A 1857 -32.44 11.17 -12.51
C ASP A 1857 -32.20 12.53 -13.16
N ILE A 1858 -33.11 13.50 -12.97
CA ILE A 1858 -32.93 14.84 -13.54
C ILE A 1858 -31.83 15.60 -12.83
N PHE A 1859 -31.54 15.23 -11.57
CA PHE A 1859 -30.44 15.83 -10.86
C PHE A 1859 -29.15 15.38 -11.56
N GLU A 1860 -29.05 14.10 -11.86
CA GLU A 1860 -27.89 13.58 -12.59
C GLU A 1860 -27.86 14.14 -14.02
N SER A 1861 -29.01 14.19 -14.69
CA SER A 1861 -29.09 14.68 -16.06
C SER A 1861 -28.62 16.13 -16.18
N LEU A 1862 -28.90 16.98 -15.20
CA LEU A 1862 -28.44 18.36 -15.24
C LEU A 1862 -26.92 18.42 -15.06
N ALA A 1863 -26.33 17.52 -14.29
CA ALA A 1863 -24.87 17.47 -14.18
C ALA A 1863 -24.29 17.17 -15.57
N GLY A 1864 -24.87 16.19 -16.27
CA GLY A 1864 -24.47 15.82 -17.63
C GLY A 1864 -24.64 16.99 -18.61
N ALA A 1865 -25.75 17.72 -18.49
CA ALA A 1865 -26.04 18.88 -19.30
C ALA A 1865 -24.96 19.95 -19.13
N ILE A 1866 -24.64 20.30 -17.87
CA ILE A 1866 -23.63 21.30 -17.55
C ILE A 1866 -22.27 20.85 -18.05
N TYR A 1867 -21.93 19.57 -17.90
CA TYR A 1867 -20.67 19.05 -18.41
C TYR A 1867 -20.53 19.25 -19.91
N MET A 1868 -21.54 18.89 -20.69
CA MET A 1868 -21.53 19.07 -22.14
C MET A 1868 -21.57 20.55 -22.54
N ASP A 1869 -22.39 21.37 -21.89
CA ASP A 1869 -22.50 22.81 -22.18
C ASP A 1869 -21.21 23.57 -21.83
N SER A 1870 -20.51 23.15 -20.77
CA SER A 1870 -19.25 23.76 -20.32
C SER A 1870 -18.03 23.31 -21.14
N GLY A 1871 -18.20 22.45 -22.16
CA GLY A 1871 -17.07 21.97 -22.97
C GLY A 1871 -16.30 20.85 -22.25
N MET A 1872 -17.04 19.95 -21.59
CA MET A 1872 -16.54 18.81 -20.81
C MET A 1872 -15.73 19.23 -19.58
N SER A 1873 -16.17 20.30 -18.89
CA SER A 1873 -15.47 20.77 -17.70
C SER A 1873 -16.06 20.25 -16.42
N LEU A 1874 -15.39 19.24 -15.84
CA LEU A 1874 -15.79 18.68 -14.55
C LEU A 1874 -15.75 19.76 -13.48
N GLU A 1875 -14.78 20.66 -13.58
CA GLU A 1875 -14.62 21.74 -12.63
C GLU A 1875 -15.88 22.62 -12.66
N VAL A 1876 -16.38 22.99 -13.84
CA VAL A 1876 -17.61 23.80 -13.88
C VAL A 1876 -18.76 23.03 -13.24
N VAL A 1877 -18.89 21.75 -13.54
CA VAL A 1877 -19.96 20.95 -12.93
C VAL A 1877 -19.82 20.99 -11.41
N TRP A 1878 -18.61 20.77 -10.91
CA TRP A 1878 -18.35 20.75 -9.48
C TRP A 1878 -18.57 22.11 -8.85
N GLN A 1879 -18.26 23.18 -9.56
CA GLN A 1879 -18.55 24.49 -9.03
C GLN A 1879 -20.05 24.61 -8.83
N VAL A 1880 -20.86 24.04 -9.72
CA VAL A 1880 -22.32 24.16 -9.56
C VAL A 1880 -22.83 23.19 -8.50
N TYR A 1881 -22.38 21.95 -8.50
CA TYR A 1881 -22.93 20.96 -7.59
C TYR A 1881 -22.34 20.97 -6.20
N TYR A 1882 -21.07 21.31 -6.04
CA TYR A 1882 -20.48 21.30 -4.71
C TYR A 1882 -21.22 22.19 -3.73
N PRO A 1883 -21.59 23.44 -4.05
CA PRO A 1883 -22.36 24.25 -3.12
C PRO A 1883 -23.68 23.59 -2.77
N MET A 1884 -24.30 22.88 -3.71
CA MET A 1884 -25.57 22.23 -3.40
C MET A 1884 -25.35 21.03 -2.48
N MET A 1885 -24.28 20.28 -2.69
CA MET A 1885 -24.02 19.09 -1.88
C MET A 1885 -23.25 19.32 -0.60
N GLN A 1886 -22.49 20.40 -0.49
CA GLN A 1886 -21.67 20.71 0.66
C GLN A 1886 -22.35 20.50 2.02
N PRO A 1887 -23.61 20.93 2.24
CA PRO A 1887 -24.25 20.72 3.54
C PRO A 1887 -24.41 19.25 3.92
N LEU A 1888 -24.69 18.39 2.94
CA LEU A 1888 -24.85 16.95 3.16
C LEU A 1888 -23.50 16.26 3.32
N ILE A 1889 -22.52 16.66 2.49
CA ILE A 1889 -21.16 16.12 2.55
C ILE A 1889 -20.61 16.38 3.95
N GLU A 1890 -20.73 17.62 4.44
CA GLU A 1890 -20.30 17.98 5.78
C GLU A 1890 -21.04 17.17 6.84
N LYS A 1891 -22.38 17.05 6.73
CA LYS A 1891 -23.20 16.31 7.70
C LYS A 1891 -22.81 14.83 7.78
N PHE A 1892 -22.72 14.11 6.67
CA PHE A 1892 -22.38 12.69 6.68
C PHE A 1892 -20.89 12.45 6.99
N SER A 1893 -19.99 13.33 6.54
CA SER A 1893 -18.57 13.15 6.86
C SER A 1893 -18.33 13.43 8.35
N ALA A 1894 -19.19 14.22 9.02
CA ALA A 1894 -19.12 14.44 10.46
C ALA A 1894 -19.70 13.22 11.21
N ASN A 1895 -20.87 12.74 10.76
CA ASN A 1895 -21.62 11.61 11.30
C ASN A 1895 -21.85 10.56 10.21
N VAL A 1896 -20.95 9.56 10.08
CA VAL A 1896 -21.02 8.51 9.05
C VAL A 1896 -22.37 7.77 9.24
N PRO A 1897 -23.25 7.70 8.22
CA PRO A 1897 -24.62 7.18 8.37
C PRO A 1897 -24.83 5.69 8.68
N ARG A 1898 -26.05 5.37 9.14
CA ARG A 1898 -26.55 4.03 9.55
C ARG A 1898 -27.87 3.43 9.00
N SER A 1899 -27.89 2.13 8.77
CA SER A 1899 -29.12 1.40 8.40
C SER A 1899 -29.99 1.23 9.66
N PRO A 1900 -31.30 1.54 9.66
CA PRO A 1900 -32.14 1.32 10.84
C PRO A 1900 -32.14 -0.12 11.33
N VAL A 1901 -32.02 -1.08 10.41
CA VAL A 1901 -31.95 -2.51 10.74
C VAL A 1901 -30.67 -2.75 11.55
N ARG A 1902 -29.53 -2.23 11.08
CA ARG A 1902 -28.23 -2.33 11.75
C ARG A 1902 -28.27 -1.59 13.11
N GLU A 1903 -28.81 -0.38 13.17
CA GLU A 1903 -28.93 0.39 14.42
C GLU A 1903 -29.76 -0.39 15.46
N LEU A 1904 -30.87 -1.02 15.04
CA LEU A 1904 -31.68 -1.85 15.94
C LEU A 1904 -30.87 -3.06 16.43
N LEU A 1905 -30.18 -3.75 15.52
CA LEU A 1905 -29.34 -4.90 15.85
C LEU A 1905 -28.17 -4.49 16.76
N GLU A 1906 -27.63 -3.28 16.63
CA GLU A 1906 -26.57 -2.77 17.51
C GLU A 1906 -27.11 -2.46 18.91
N MET A 1907 -28.32 -1.91 19.02
CA MET A 1907 -28.98 -1.60 20.29
C MET A 1907 -29.54 -2.85 21.01
N GLU A 1908 -30.00 -3.83 20.23
CA GLU A 1908 -30.68 -5.06 20.67
C GLU A 1908 -30.19 -6.33 19.89
N PRO A 1909 -28.89 -6.72 20.02
CA PRO A 1909 -28.29 -7.83 19.25
C PRO A 1909 -28.85 -9.24 19.51
N GLU A 1910 -29.22 -9.56 20.75
CA GLU A 1910 -29.75 -10.89 21.11
C GLU A 1910 -31.28 -10.91 21.23
N THR A 1911 -31.88 -9.75 21.42
CA THR A 1911 -33.31 -9.55 21.62
C THR A 1911 -34.10 -9.16 20.38
N ALA A 1912 -33.54 -8.53 19.35
CA ALA A 1912 -34.27 -8.18 18.12
C ALA A 1912 -34.17 -9.27 17.04
N LYS A 1913 -35.28 -9.95 16.73
CA LYS A 1913 -35.38 -10.99 15.70
C LYS A 1913 -36.39 -10.63 14.62
N PHE A 1914 -36.02 -10.71 13.33
CA PHE A 1914 -36.91 -10.39 12.23
C PHE A 1914 -37.60 -11.62 11.64
N SER A 1915 -38.90 -11.51 11.38
CA SER A 1915 -39.67 -12.57 10.74
C SER A 1915 -39.34 -12.67 9.24
N PRO A 1916 -39.62 -13.81 8.59
CA PRO A 1916 -39.52 -13.94 7.14
C PRO A 1916 -40.44 -12.94 6.43
N ALA A 1917 -40.18 -12.71 5.14
CA ALA A 1917 -40.99 -11.84 4.28
C ALA A 1917 -42.40 -12.42 4.04
N GLU A 1918 -43.47 -11.73 4.44
CA GLU A 1918 -44.85 -12.16 4.16
C GLU A 1918 -45.39 -11.34 2.99
N ARG A 1919 -45.72 -11.98 1.87
CA ARG A 1919 -46.30 -11.28 0.71
C ARG A 1919 -47.79 -11.03 0.98
N THR A 1920 -48.16 -9.78 1.22
CA THR A 1920 -49.55 -9.40 1.47
C THR A 1920 -50.40 -9.51 0.19
N TYR A 1921 -51.73 -9.45 0.32
CA TYR A 1921 -52.67 -9.60 -0.81
C TYR A 1921 -52.52 -8.52 -1.91
N ASP A 1922 -51.91 -7.38 -1.59
CA ASP A 1922 -51.68 -6.26 -2.52
C ASP A 1922 -50.28 -6.34 -3.19
N GLY A 1923 -49.59 -7.48 -3.07
CA GLY A 1923 -48.25 -7.72 -3.63
C GLY A 1923 -47.12 -7.18 -2.73
N LYS A 1924 -47.40 -6.19 -1.88
CA LYS A 1924 -46.46 -5.57 -0.92
C LYS A 1924 -45.94 -6.56 0.12
N VAL A 1925 -44.68 -6.43 0.54
CA VAL A 1925 -44.05 -7.28 1.57
C VAL A 1925 -44.32 -6.72 2.98
N ARG A 1926 -44.59 -7.60 3.94
CA ARG A 1926 -44.77 -7.29 5.36
C ARG A 1926 -43.70 -8.02 6.17
N VAL A 1927 -43.10 -7.33 7.13
CA VAL A 1927 -42.05 -7.87 8.01
C VAL A 1927 -42.35 -7.50 9.45
N THR A 1928 -42.20 -8.43 10.40
CA THR A 1928 -42.38 -8.16 11.83
C THR A 1928 -41.06 -8.28 12.56
N VAL A 1929 -40.68 -7.31 13.40
CA VAL A 1929 -39.49 -7.43 14.23
C VAL A 1929 -39.95 -7.63 15.67
N GLU A 1930 -39.49 -8.68 16.30
CA GLU A 1930 -39.79 -8.97 17.69
C GLU A 1930 -38.59 -8.57 18.53
N VAL A 1931 -38.79 -7.66 19.48
CA VAL A 1931 -37.75 -7.29 20.44
C VAL A 1931 -38.17 -7.95 21.76
N VAL A 1932 -37.44 -8.98 22.18
CA VAL A 1932 -37.74 -9.75 23.39
C VAL A 1932 -37.91 -8.84 24.61
N GLY A 1933 -39.07 -8.96 25.27
CA GLY A 1933 -39.44 -8.17 26.45
C GLY A 1933 -39.91 -6.73 26.15
N LYS A 1934 -39.80 -6.29 24.89
CA LYS A 1934 -40.11 -4.92 24.43
C LYS A 1934 -41.23 -4.82 23.37
N GLY A 1935 -41.68 -5.94 22.78
CA GLY A 1935 -42.81 -6.00 21.83
C GLY A 1935 -42.49 -6.38 20.37
N LYS A 1936 -43.54 -6.46 19.56
CA LYS A 1936 -43.53 -6.79 18.11
C LYS A 1936 -43.95 -5.57 17.28
N PHE A 1937 -43.15 -5.23 16.28
CA PHE A 1937 -43.37 -4.07 15.39
C PHE A 1937 -43.46 -4.51 13.92
N LYS A 1938 -44.57 -4.20 13.24
CA LYS A 1938 -44.80 -4.56 11.83
C LYS A 1938 -44.47 -3.41 10.86
N GLY A 1939 -43.80 -3.73 9.76
CA GLY A 1939 -43.48 -2.80 8.68
C GLY A 1939 -43.95 -3.35 7.32
N VAL A 1940 -44.42 -2.49 6.43
CA VAL A 1940 -44.90 -2.87 5.08
C VAL A 1940 -44.26 -2.00 4.00
N GLY A 1941 -43.94 -2.57 2.85
CA GLY A 1941 -43.37 -1.88 1.70
C GLY A 1941 -43.26 -2.77 0.48
N ARG A 1942 -43.04 -2.21 -0.70
CA ARG A 1942 -42.90 -2.98 -1.96
C ARG A 1942 -41.71 -3.95 -2.05
N SER A 1943 -40.83 -3.95 -1.05
CA SER A 1943 -39.63 -4.80 -0.99
C SER A 1943 -39.32 -5.17 0.45
N TYR A 1944 -38.67 -6.32 0.68
CA TYR A 1944 -38.32 -6.79 2.02
C TYR A 1944 -37.56 -5.76 2.84
N ARG A 1945 -36.51 -5.07 2.35
CA ARG A 1945 -35.83 -4.01 3.14
C ARG A 1945 -36.74 -2.84 3.41
N ILE A 1946 -37.56 -2.34 2.48
CA ILE A 1946 -38.45 -1.22 2.82
C ILE A 1946 -39.36 -1.67 3.96
N ALA A 1947 -39.87 -2.90 3.90
CA ALA A 1947 -40.70 -3.46 4.97
C ALA A 1947 -39.91 -3.69 6.28
N LYS A 1948 -38.68 -4.22 6.21
CA LYS A 1948 -37.80 -4.56 7.34
C LYS A 1948 -37.26 -3.31 8.02
N SER A 1949 -36.91 -2.31 7.23
CA SER A 1949 -36.45 -1.00 7.66
C SER A 1949 -37.61 -0.28 8.33
N ALA A 1950 -38.81 -0.32 7.76
CA ALA A 1950 -39.98 0.29 8.39
C ALA A 1950 -40.25 -0.37 9.75
N ALA A 1951 -40.17 -1.69 9.83
CA ALA A 1951 -40.33 -2.44 11.07
C ALA A 1951 -39.23 -2.05 12.08
N ALA A 1952 -37.97 -1.95 11.64
CA ALA A 1952 -36.85 -1.58 12.49
C ALA A 1952 -36.98 -0.15 13.01
N ARG A 1953 -37.43 0.78 12.17
CA ARG A 1953 -37.68 2.17 12.57
C ARG A 1953 -38.80 2.24 13.60
N ARG A 1954 -39.87 1.47 13.48
CA ARG A 1954 -40.99 1.45 14.45
C ARG A 1954 -40.51 0.93 15.80
N ALA A 1955 -39.72 -0.14 15.79
CA ALA A 1955 -39.10 -0.69 16.97
C ALA A 1955 -38.17 0.35 17.62
N LEU A 1956 -37.26 0.95 16.86
CA LEU A 1956 -36.35 1.99 17.36
C LEU A 1956 -37.12 3.16 17.97
N ARG A 1957 -38.21 3.63 17.34
CA ARG A 1957 -39.04 4.71 17.88
C ARG A 1957 -39.60 4.32 19.25
N SER A 1958 -40.16 3.12 19.38
CA SER A 1958 -40.71 2.62 20.64
C SER A 1958 -39.66 2.50 21.75
N LEU A 1959 -38.49 1.96 21.42
CA LEU A 1959 -37.37 1.80 22.36
C LEU A 1959 -36.86 3.16 22.85
N LYS A 1960 -36.65 4.12 21.95
CA LYS A 1960 -36.17 5.46 22.28
C LYS A 1960 -37.22 6.23 23.08
N ALA A 1961 -38.51 6.04 22.78
CA ALA A 1961 -39.61 6.68 23.53
C ALA A 1961 -39.75 6.13 24.96
N ASN A 1962 -39.43 4.85 25.18
CA ASN A 1962 -39.50 4.22 26.50
C ASN A 1962 -38.23 4.44 27.36
N GLN A 1963 -37.14 4.96 26.80
CA GLN A 1963 -35.91 5.26 27.56
C GLN A 1963 -36.12 6.47 28.49
#